data_3D3E
#
_entry.id   3D3E
#
_cell.length_a   56.700
_cell.length_b   152.846
_cell.length_c   73.708
_cell.angle_alpha   90.00
_cell.angle_beta   92.11
_cell.angle_gamma   90.00
#
_symmetry.space_group_name_H-M   'P 1 21 1'
#
loop_
_entity.id
_entity.type
_entity.pdbx_description
1 polymer 'Corticosteroid 11-beta-dehydrogenase isozyme 1'
2 non-polymer 'NADP NICOTINAMIDE-ADENINE-DINUCLEOTIDE PHOSPHATE'
3 non-polymer N-cyclopropyl-N-(trans-4-pyridin-3-ylcyclohexyl)-4-[(1S)-2,2,2-trifluoro-1-hydroxy-1-methylethyl]benzamide
4 water water
#
_entity_poly.entity_id   1
_entity_poly.type   'polypeptide(L)'
_entity_poly.pdbx_seq_one_letter_code
;MKHQHQHQHQHQHQQPLNEEFRPEMLQGKKVIVTGASKGIGREMAYHLAKMGAHVVVTARSKETLQKVVSHCLELGAASA
HYIAGTMEDMTFAEQFVAQAGKLMGGLDMLILNHITNTSLNLFHDDIHHVRKSMEVNFLSYVVLTVAALPMLKQSNGSIV
VVSSLAGKVAYPMVAAYSASKFALDGFFSSIRKEYSVSRVNVSITLCVLGLIDTETAMKAVSGIVHMQAAPKEECALEII
KGGALRQEEVYYDSSLWTTLLIRNPSRKILEFLYSTSYNMDRFINK
;
_entity_poly.pdbx_strand_id   A,B,C,D
#
# COMPACT_ATOMS: atom_id res chain seq x y z
N GLN A 15 -3.47 -21.35 12.00
CA GLN A 15 -4.92 -21.74 12.03
C GLN A 15 -5.71 -20.91 13.05
N PRO A 16 -6.06 -19.67 12.72
CA PRO A 16 -6.88 -18.93 13.69
C PRO A 16 -8.27 -19.55 13.86
N LEU A 17 -8.78 -19.55 15.09
CA LEU A 17 -10.07 -20.17 15.40
C LEU A 17 -11.20 -19.47 14.67
N ASN A 18 -12.21 -20.23 14.26
CA ASN A 18 -13.31 -19.69 13.45
C ASN A 18 -14.51 -19.17 14.25
N GLU A 19 -14.24 -18.49 15.37
CA GLU A 19 -15.29 -18.01 16.29
C GLU A 19 -14.82 -16.82 17.14
N GLU A 20 -15.68 -16.37 18.05
CA GLU A 20 -15.32 -15.28 18.93
C GLU A 20 -15.13 -15.80 20.36
N PHE A 21 -14.68 -14.91 21.25
CA PHE A 21 -14.21 -15.32 22.57
C PHE A 21 -15.19 -15.14 23.72
N ARG A 22 -15.23 -16.13 24.60
CA ARG A 22 -15.98 -16.06 25.85
C ARG A 22 -15.16 -16.62 27.02
N PRO A 23 -15.23 -15.94 28.17
CA PRO A 23 -14.48 -16.25 29.39
C PRO A 23 -14.15 -17.72 29.63
N GLU A 24 -15.13 -18.61 29.57
CA GLU A 24 -14.90 -20.02 29.89
C GLU A 24 -13.60 -20.57 29.32
N MET A 25 -13.15 -20.00 28.20
CA MET A 25 -11.98 -20.53 27.50
C MET A 25 -10.72 -20.48 28.37
N LEU A 26 -10.74 -19.61 29.37
CA LEU A 26 -9.60 -19.44 30.28
C LEU A 26 -9.83 -20.12 31.63
N GLN A 27 -11.04 -20.64 31.84
CA GLN A 27 -11.40 -21.30 33.09
C GLN A 27 -10.45 -22.45 33.38
N GLY A 28 -9.83 -22.43 34.55
CA GLY A 28 -8.91 -23.49 34.97
C GLY A 28 -7.68 -23.64 34.09
N LYS A 29 -7.39 -22.61 33.28
CA LYS A 29 -6.24 -22.64 32.39
C LYS A 29 -5.03 -22.00 33.08
N LYS A 30 -3.92 -22.73 33.09
CA LYS A 30 -2.74 -22.26 33.79
C LYS A 30 -1.98 -21.24 32.95
N VAL A 31 -1.71 -20.08 33.53
CA VAL A 31 -1.17 -18.97 32.76
C VAL A 31 -0.10 -18.16 33.49
N ILE A 32 0.90 -17.70 32.74
CA ILE A 32 1.95 -16.87 33.29
C ILE A 32 1.83 -15.43 32.73
N VAL A 33 2.08 -14.45 33.59
CA VAL A 33 2.06 -13.07 33.17
C VAL A 33 3.25 -12.37 33.78
N THR A 34 4.04 -11.69 32.93
CA THR A 34 5.23 -11.01 33.40
C THR A 34 5.00 -9.52 33.43
N GLY A 35 5.81 -8.80 34.19
CA GLY A 35 5.56 -7.39 34.41
C GLY A 35 4.12 -7.19 34.86
N ALA A 36 3.65 -8.08 35.73
CA ALA A 36 2.26 -8.09 36.12
C ALA A 36 1.98 -7.32 37.43
N SER A 37 2.98 -6.63 37.95
CA SER A 37 2.78 -5.90 39.20
C SER A 37 2.03 -4.57 39.00
N LYS A 38 2.10 -4.02 37.78
CA LYS A 38 1.34 -2.80 37.45
C LYS A 38 0.91 -2.77 35.99
N GLY A 39 0.19 -1.71 35.62
CA GLY A 39 -0.22 -1.48 34.23
C GLY A 39 -0.85 -2.67 33.53
N ILE A 40 -0.69 -2.69 32.21
CA ILE A 40 -1.33 -3.67 31.34
C ILE A 40 -1.18 -5.09 31.89
N GLY A 41 -0.02 -5.35 32.50
CA GLY A 41 0.26 -6.66 33.05
C GLY A 41 -0.74 -7.02 34.13
N ARG A 42 -0.88 -6.12 35.11
CA ARG A 42 -1.80 -6.29 36.22
C ARG A 42 -3.25 -6.49 35.78
N GLU A 43 -3.73 -5.59 34.93
CA GLU A 43 -5.06 -5.69 34.38
C GLU A 43 -5.26 -7.07 33.79
N MET A 44 -4.30 -7.51 32.99
CA MET A 44 -4.40 -8.83 32.36
C MET A 44 -4.60 -9.89 33.45
N ALA A 45 -3.93 -9.68 34.59
CA ALA A 45 -3.99 -10.64 35.67
C ALA A 45 -5.40 -10.64 36.23
N TYR A 46 -5.93 -9.43 36.42
CA TYR A 46 -7.27 -9.30 36.95
C TYR A 46 -8.32 -9.94 36.03
N HIS A 47 -8.39 -9.49 34.78
CA HIS A 47 -9.25 -10.17 33.83
C HIS A 47 -9.10 -11.67 33.96
N LEU A 48 -7.87 -12.14 34.03
CA LEU A 48 -7.61 -13.58 34.10
C LEU A 48 -8.30 -14.27 35.28
N ALA A 49 -8.34 -13.60 36.43
CA ALA A 49 -9.00 -14.14 37.61
C ALA A 49 -10.51 -14.20 37.36
N LYS A 50 -11.06 -13.06 36.95
CA LYS A 50 -12.48 -12.99 36.58
C LYS A 50 -12.90 -14.16 35.69
N MET A 51 -11.96 -15.02 35.32
CA MET A 51 -12.26 -16.16 34.46
C MET A 51 -11.99 -17.44 35.24
N GLY A 52 -11.33 -17.30 36.38
CA GLY A 52 -11.07 -18.43 37.27
C GLY A 52 -9.92 -19.28 36.80
N ALA A 53 -9.00 -18.67 36.06
CA ALA A 53 -7.81 -19.33 35.56
C ALA A 53 -6.79 -19.44 36.68
N HIS A 54 -5.83 -20.34 36.53
CA HIS A 54 -4.68 -20.33 37.41
C HIS A 54 -3.67 -19.33 36.88
N VAL A 55 -3.01 -18.59 37.76
CA VAL A 55 -2.09 -17.59 37.29
C VAL A 55 -0.92 -17.38 38.23
N VAL A 56 0.27 -17.29 37.63
CA VAL A 56 1.48 -16.95 38.35
C VAL A 56 1.98 -15.67 37.76
N VAL A 57 2.45 -14.77 38.59
CA VAL A 57 2.83 -13.47 38.13
C VAL A 57 4.22 -13.11 38.64
N THR A 58 4.92 -12.25 37.90
CA THR A 58 6.28 -11.90 38.28
C THR A 58 6.65 -10.47 37.93
N ALA A 59 7.68 -10.00 38.61
CA ALA A 59 8.22 -8.67 38.44
C ALA A 59 9.35 -8.63 39.44
N ARG A 60 9.86 -7.44 39.73
CA ARG A 60 10.93 -7.33 40.71
C ARG A 60 10.41 -7.15 42.13
N SER A 61 9.57 -6.13 42.34
CA SER A 61 9.04 -5.82 43.68
C SER A 61 8.01 -6.82 44.21
N LYS A 62 8.32 -7.41 45.37
CA LYS A 62 7.39 -8.35 46.00
C LYS A 62 6.22 -7.63 46.65
N GLU A 63 6.46 -6.44 47.19
CA GLU A 63 5.39 -5.68 47.83
C GLU A 63 4.14 -5.53 46.95
N THR A 64 4.31 -5.05 45.71
CA THR A 64 3.17 -4.89 44.81
C THR A 64 2.64 -6.22 44.32
N LEU A 65 3.52 -7.21 44.16
CA LEU A 65 3.07 -8.50 43.70
C LEU A 65 2.13 -9.11 44.73
N GLN A 66 2.49 -9.00 46.00
CA GLN A 66 1.61 -9.52 47.04
C GLN A 66 0.17 -9.05 46.84
N LYS A 67 -0.03 -7.76 46.63
CA LYS A 67 -1.37 -7.24 46.43
C LYS A 67 -2.07 -7.88 45.22
N VAL A 68 -1.42 -7.85 44.06
CA VAL A 68 -2.01 -8.43 42.87
C VAL A 68 -2.51 -9.85 43.14
N VAL A 69 -1.66 -10.66 43.76
CA VAL A 69 -2.03 -12.04 44.10
C VAL A 69 -3.27 -12.06 45.00
N SER A 70 -3.22 -11.26 46.06
CA SER A 70 -4.29 -11.20 47.04
C SER A 70 -5.62 -10.79 46.41
N HIS A 71 -5.56 -9.85 45.46
CA HIS A 71 -6.78 -9.34 44.84
C HIS A 71 -7.32 -10.25 43.75
N CYS A 72 -6.47 -11.10 43.19
CA CYS A 72 -6.90 -12.01 42.13
C CYS A 72 -7.73 -13.13 42.71
N LEU A 73 -7.40 -13.50 43.94
CA LEU A 73 -8.17 -14.48 44.67
C LEU A 73 -9.59 -13.96 44.87
N GLU A 74 -9.71 -12.72 45.32
CA GLU A 74 -11.01 -12.11 45.51
C GLU A 74 -11.80 -12.23 44.23
N LEU A 75 -11.21 -11.76 43.14
CA LEU A 75 -11.87 -11.76 41.85
C LEU A 75 -12.21 -13.19 41.39
N GLY A 76 -11.66 -14.18 42.08
CA GLY A 76 -12.04 -15.58 41.86
C GLY A 76 -11.09 -16.46 41.06
N ALA A 77 -9.80 -16.20 41.13
CA ALA A 77 -8.83 -17.06 40.44
C ALA A 77 -8.76 -18.43 41.11
N ALA A 78 -8.78 -19.49 40.30
CA ALA A 78 -8.60 -20.83 40.84
C ALA A 78 -7.40 -20.89 41.79
N SER A 79 -6.31 -20.22 41.40
CA SER A 79 -5.18 -20.00 42.29
C SER A 79 -4.28 -18.90 41.75
N ALA A 80 -3.44 -18.36 42.61
CA ALA A 80 -2.66 -17.18 42.26
C ALA A 80 -1.41 -17.05 43.12
N HIS A 81 -0.25 -16.99 42.49
CA HIS A 81 1.00 -16.82 43.22
C HIS A 81 1.97 -15.94 42.46
N TYR A 82 3.00 -15.48 43.17
CA TYR A 82 4.01 -14.63 42.56
C TYR A 82 5.41 -15.18 42.82
N ILE A 83 6.34 -14.84 41.94
CA ILE A 83 7.75 -15.08 42.17
C ILE A 83 8.48 -13.84 41.72
N ALA A 84 9.34 -13.30 42.57
CA ALA A 84 10.01 -12.05 42.27
C ALA A 84 11.46 -12.30 41.85
N GLY A 85 11.94 -11.47 40.92
CA GLY A 85 13.29 -11.57 40.39
C GLY A 85 13.40 -10.72 39.15
N THR A 86 14.62 -10.36 38.77
CA THR A 86 14.82 -9.46 37.63
C THR A 86 15.06 -10.22 36.31
N MET A 87 14.29 -9.87 35.30
CA MET A 87 14.42 -10.49 33.99
C MET A 87 15.75 -10.06 33.35
N GLU A 88 16.47 -9.20 34.05
CA GLU A 88 17.85 -8.90 33.70
C GLU A 88 18.67 -10.17 33.81
N ASP A 89 18.05 -11.21 34.36
CA ASP A 89 18.79 -12.39 34.81
C ASP A 89 18.26 -13.67 34.19
N MET A 90 18.94 -14.12 33.16
CA MET A 90 18.47 -15.25 32.37
C MET A 90 18.30 -16.52 33.20
N THR A 91 19.10 -16.65 34.25
CA THR A 91 18.99 -17.80 35.16
C THR A 91 17.63 -17.74 35.85
N PHE A 92 17.35 -16.60 36.47
CA PHE A 92 16.05 -16.43 37.07
C PHE A 92 14.91 -16.69 36.09
N ALA A 93 15.02 -16.15 34.89
CA ALA A 93 13.95 -16.34 33.93
C ALA A 93 13.69 -17.81 33.64
N GLU A 94 14.70 -18.64 33.85
CA GLU A 94 14.66 -20.02 33.41
C GLU A 94 14.07 -20.89 34.51
N GLN A 95 14.40 -20.54 35.75
CA GLN A 95 13.88 -21.27 36.88
C GLN A 95 12.48 -20.77 37.20
N PHE A 96 12.22 -19.51 36.87
CA PHE A 96 10.89 -18.99 37.08
C PHE A 96 9.86 -19.87 36.40
N VAL A 97 10.14 -20.26 35.16
CA VAL A 97 9.17 -20.96 34.34
C VAL A 97 9.02 -22.39 34.83
N ALA A 98 10.14 -22.99 35.24
CA ALA A 98 10.11 -24.31 35.83
C ALA A 98 9.27 -24.31 37.10
N GLN A 99 9.67 -23.46 38.05
CA GLN A 99 9.03 -23.32 39.35
C GLN A 99 7.52 -23.01 39.25
N ALA A 100 7.14 -22.09 38.37
CA ALA A 100 5.73 -21.73 38.21
C ALA A 100 4.92 -22.87 37.62
N GLY A 101 5.42 -23.43 36.51
CA GLY A 101 4.71 -24.49 35.80
C GLY A 101 4.54 -25.75 36.62
N LYS A 102 5.52 -26.07 37.45
CA LYS A 102 5.44 -27.21 38.34
C LYS A 102 4.49 -26.88 39.47
N LEU A 103 4.44 -25.59 39.83
CA LEU A 103 3.48 -25.14 40.81
C LEU A 103 2.07 -25.47 40.33
N MET A 104 1.80 -25.24 39.06
CA MET A 104 0.46 -25.41 38.52
C MET A 104 0.27 -26.75 37.81
N GLY A 105 1.31 -27.57 37.80
CA GLY A 105 1.28 -28.85 37.08
C GLY A 105 0.94 -28.70 35.60
N GLY A 106 1.54 -27.71 34.95
CA GLY A 106 1.30 -27.47 33.53
C GLY A 106 1.22 -26.01 33.15
N LEU A 107 1.00 -25.73 31.87
CA LEU A 107 0.94 -24.36 31.37
C LEU A 107 0.24 -24.31 30.01
N ASP A 108 -0.67 -23.34 29.86
CA ASP A 108 -1.51 -23.24 28.67
C ASP A 108 -1.24 -21.98 27.83
N MET A 109 -0.78 -20.93 28.48
CA MET A 109 -0.56 -19.66 27.81
C MET A 109 0.53 -18.89 28.51
N LEU A 110 1.51 -18.43 27.74
CA LEU A 110 2.61 -17.64 28.26
C LEU A 110 2.44 -16.21 27.79
N ILE A 111 2.32 -15.27 28.71
CA ILE A 111 2.19 -13.88 28.33
C ILE A 111 3.46 -13.11 28.66
N LEU A 112 4.21 -12.77 27.61
CA LEU A 112 5.45 -12.05 27.77
C LEU A 112 5.15 -10.56 27.61
N ASN A 113 5.29 -9.82 28.72
CA ASN A 113 4.83 -8.45 28.81
C ASN A 113 5.82 -7.43 29.41
N HIS A 114 6.69 -7.87 30.32
CA HIS A 114 7.65 -6.95 30.97
C HIS A 114 8.64 -6.23 30.03
N ILE A 115 9.13 -5.07 30.48
CA ILE A 115 10.27 -4.37 29.86
C ILE A 115 11.14 -3.65 30.89
N THR A 116 12.34 -3.27 30.50
CA THR A 116 13.21 -2.54 31.41
C THR A 116 12.68 -1.12 31.53
N ASN A 117 13.11 -0.40 32.55
CA ASN A 117 12.63 0.96 32.70
C ASN A 117 13.20 1.85 31.59
N THR A 118 12.32 2.53 30.86
CA THR A 118 12.77 3.47 29.83
C THR A 118 12.13 4.83 29.98
N SER A 119 12.92 5.87 29.80
CA SER A 119 12.37 7.20 29.62
C SER A 119 12.35 7.57 28.14
N LEU A 120 11.81 8.74 27.82
CA LEU A 120 11.84 9.27 26.48
C LEU A 120 12.94 10.32 26.38
N ASN A 121 13.89 10.11 25.48
CA ASN A 121 14.93 11.09 25.25
C ASN A 121 15.61 10.78 23.93
N LEU A 122 16.43 11.70 23.46
CA LEU A 122 17.32 11.42 22.35
C LEU A 122 18.24 10.32 22.79
N PHE A 123 18.52 9.37 21.89
CA PHE A 123 19.64 8.48 22.12
C PHE A 123 20.93 9.31 22.10
N HIS A 124 21.74 9.14 23.14
CA HIS A 124 22.92 9.98 23.29
C HIS A 124 24.11 9.15 23.75
N ASP A 125 24.49 8.14 22.96
CA ASP A 125 25.67 7.35 23.31
C ASP A 125 25.45 6.46 24.54
N ASP A 126 24.20 6.05 24.75
CA ASP A 126 23.78 5.31 25.93
C ASP A 126 23.79 3.80 25.65
N ILE A 127 24.95 3.29 25.24
CA ILE A 127 25.04 1.93 24.73
C ILE A 127 24.55 0.95 25.77
N HIS A 128 24.89 1.23 27.02
CA HIS A 128 24.55 0.34 28.12
C HIS A 128 23.05 0.17 28.16
N HIS A 129 22.31 1.25 27.94
CA HIS A 129 20.85 1.15 27.91
C HIS A 129 20.28 0.40 26.69
N VAL A 130 20.98 0.43 25.56
CA VAL A 130 20.60 -0.36 24.39
C VAL A 130 20.83 -1.85 24.63
N ARG A 131 21.94 -2.18 25.28
CA ARG A 131 22.21 -3.56 25.62
C ARG A 131 21.14 -4.07 26.60
N LYS A 132 20.94 -3.33 27.67
CA LYS A 132 19.93 -3.71 28.65
C LYS A 132 18.53 -3.86 28.05
N SER A 133 18.13 -2.93 27.19
CA SER A 133 16.84 -3.05 26.51
C SER A 133 16.76 -4.36 25.77
N MET A 134 17.83 -4.67 25.06
CA MET A 134 17.86 -5.84 24.20
C MET A 134 17.83 -7.11 25.06
N GLU A 135 18.54 -7.08 26.18
CA GLU A 135 18.57 -8.20 27.14
C GLU A 135 17.20 -8.47 27.78
N VAL A 136 16.67 -7.46 28.48
CA VAL A 136 15.40 -7.58 29.18
C VAL A 136 14.20 -7.73 28.23
N ASN A 137 14.05 -6.83 27.26
CA ASN A 137 12.83 -6.76 26.45
C ASN A 137 12.75 -7.85 25.41
N PHE A 138 13.90 -8.33 24.98
CA PHE A 138 13.92 -9.24 23.85
C PHE A 138 14.49 -10.61 24.17
N LEU A 139 15.70 -10.64 24.71
CA LEU A 139 16.39 -11.90 24.93
C LEU A 139 15.62 -12.71 25.95
N SER A 140 15.25 -12.07 27.04
CA SER A 140 14.58 -12.76 28.13
C SER A 140 13.31 -13.42 27.65
N TYR A 141 12.69 -12.86 26.62
CA TYR A 141 11.48 -13.45 26.07
C TYR A 141 11.82 -14.80 25.45
N VAL A 142 12.93 -14.85 24.72
CA VAL A 142 13.39 -16.08 24.12
C VAL A 142 13.65 -17.09 25.24
N VAL A 143 14.46 -16.70 26.20
CA VAL A 143 14.80 -17.64 27.26
C VAL A 143 13.52 -18.16 27.88
N LEU A 144 12.57 -17.25 28.13
CA LEU A 144 11.29 -17.63 28.74
C LEU A 144 10.52 -18.62 27.88
N THR A 145 10.55 -18.40 26.58
CA THR A 145 9.87 -19.28 25.63
C THR A 145 10.53 -20.64 25.59
N VAL A 146 11.85 -20.64 25.47
CA VAL A 146 12.60 -21.89 25.49
C VAL A 146 12.10 -22.73 26.65
N ALA A 147 12.04 -22.09 27.82
CA ALA A 147 11.73 -22.77 29.08
C ALA A 147 10.31 -23.34 29.16
N ALA A 148 9.40 -22.78 28.35
CA ALA A 148 8.00 -23.14 28.42
C ALA A 148 7.63 -24.07 27.29
N LEU A 149 8.46 -24.12 26.25
CA LEU A 149 8.08 -24.85 25.07
C LEU A 149 7.62 -26.26 25.43
N PRO A 150 8.46 -27.02 26.16
CA PRO A 150 8.06 -28.38 26.53
C PRO A 150 6.66 -28.43 27.14
N MET A 151 6.40 -27.57 28.11
CA MET A 151 5.07 -27.51 28.72
C MET A 151 3.98 -27.12 27.72
N LEU A 152 4.22 -26.09 26.91
CA LEU A 152 3.23 -25.63 25.93
C LEU A 152 2.91 -26.66 24.86
N LYS A 153 3.90 -27.47 24.49
CA LYS A 153 3.64 -28.55 23.56
C LYS A 153 2.62 -29.51 24.18
N GLN A 154 2.79 -29.74 25.48
CA GLN A 154 1.94 -30.66 26.25
C GLN A 154 0.46 -30.28 26.19
N SER A 155 0.18 -28.98 26.23
CA SER A 155 -1.20 -28.50 26.27
C SER A 155 -1.59 -27.75 25.00
N ASN A 156 -0.89 -28.02 23.90
CA ASN A 156 -1.12 -27.28 22.67
C ASN A 156 -1.49 -25.82 22.97
N GLY A 157 -0.60 -25.13 23.69
CA GLY A 157 -0.89 -23.85 24.29
C GLY A 157 -0.68 -22.62 23.42
N SER A 158 -0.38 -21.50 24.06
CA SER A 158 -0.21 -20.26 23.32
C SER A 158 0.82 -19.32 23.90
N ILE A 159 1.44 -18.55 23.01
CA ILE A 159 2.38 -17.51 23.40
C ILE A 159 1.85 -16.15 22.99
N VAL A 160 1.93 -15.20 23.90
CA VAL A 160 1.50 -13.87 23.57
C VAL A 160 2.60 -12.92 23.92
N VAL A 161 2.95 -12.09 22.95
CA VAL A 161 4.10 -11.21 23.02
C VAL A 161 3.62 -9.80 22.82
N VAL A 162 3.83 -8.98 23.82
CA VAL A 162 3.34 -7.62 23.79
C VAL A 162 4.37 -6.69 23.16
N SER A 163 4.05 -6.17 21.97
CA SER A 163 4.92 -5.24 21.25
C SER A 163 4.26 -3.86 21.16
N SER A 164 4.68 -3.05 20.20
CA SER A 164 4.10 -1.71 20.02
C SER A 164 3.93 -1.29 18.59
N LEU A 165 3.51 -0.04 18.45
CA LEU A 165 3.46 0.59 17.15
C LEU A 165 4.91 0.84 16.87
N ALA A 166 5.62 1.24 17.91
CA ALA A 166 7.04 1.58 17.80
C ALA A 166 7.87 0.36 17.46
N GLY A 167 7.18 -0.76 17.22
CA GLY A 167 7.85 -1.99 16.81
C GLY A 167 7.35 -2.44 15.45
N LYS A 168 6.71 -1.52 14.73
CA LYS A 168 6.24 -1.79 13.39
C LYS A 168 6.61 -0.62 12.47
N VAL A 169 6.78 0.56 13.08
CA VAL A 169 7.10 1.76 12.35
C VAL A 169 7.91 2.65 13.28
N ALA A 170 8.54 3.69 12.74
CA ALA A 170 9.50 4.46 13.53
C ALA A 170 8.96 5.69 14.23
N TYR A 171 9.53 5.97 15.39
CA TYR A 171 9.22 7.16 16.17
C TYR A 171 10.58 7.60 16.70
N PRO A 172 10.75 8.90 16.98
CA PRO A 172 11.93 9.36 17.71
C PRO A 172 11.76 9.09 19.21
N MET A 173 12.83 9.23 19.98
CA MET A 173 12.77 9.12 21.44
C MET A 173 12.63 7.71 22.00
N VAL A 174 12.58 6.69 21.15
CA VAL A 174 12.56 5.32 21.66
C VAL A 174 13.41 4.38 20.84
N ALA A 175 14.64 4.77 20.54
CA ALA A 175 15.49 3.95 19.67
C ALA A 175 15.79 2.58 20.26
N ALA A 176 16.43 2.54 21.44
CA ALA A 176 16.67 1.28 22.09
C ALA A 176 15.36 0.50 22.19
N TYR A 177 14.35 1.14 22.75
CA TYR A 177 13.07 0.48 22.96
C TYR A 177 12.60 -0.12 21.66
N SER A 178 12.68 0.67 20.60
CA SER A 178 12.17 0.23 19.31
C SER A 178 13.00 -0.91 18.72
N ALA A 179 14.32 -0.78 18.79
CA ALA A 179 15.18 -1.86 18.33
C ALA A 179 14.68 -3.17 18.91
N SER A 180 14.34 -3.15 20.19
CA SER A 180 14.04 -4.39 20.90
C SER A 180 12.66 -4.91 20.52
N LYS A 181 11.72 -3.99 20.36
CA LYS A 181 10.37 -4.36 19.92
C LYS A 181 10.34 -4.89 18.48
N PHE A 182 11.06 -4.22 17.58
CA PHE A 182 11.29 -4.78 16.24
C PHE A 182 11.87 -6.21 16.27
N ALA A 183 12.84 -6.43 17.14
CA ALA A 183 13.42 -7.76 17.31
C ALA A 183 12.39 -8.83 17.60
N LEU A 184 11.42 -8.53 18.44
CA LEU A 184 10.41 -9.51 18.80
C LEU A 184 9.68 -9.99 17.56
N ASP A 185 9.38 -9.04 16.67
CA ASP A 185 8.63 -9.34 15.46
C ASP A 185 9.46 -10.26 14.58
N GLY A 186 10.62 -9.78 14.15
CA GLY A 186 11.56 -10.61 13.42
C GLY A 186 11.71 -12.00 14.01
N PHE A 187 11.96 -12.07 15.31
CA PHE A 187 12.26 -13.35 15.93
C PHE A 187 11.04 -14.28 16.04
N PHE A 188 9.98 -13.78 16.66
CA PHE A 188 8.75 -14.59 16.81
C PHE A 188 7.96 -14.84 15.51
N SER A 189 7.90 -13.87 14.61
CA SER A 189 7.32 -14.15 13.30
C SER A 189 8.13 -15.21 12.57
N SER A 190 9.44 -15.18 12.71
CA SER A 190 10.25 -16.22 12.09
C SER A 190 9.93 -17.57 12.74
N ILE A 191 9.86 -17.59 14.05
CA ILE A 191 9.58 -18.83 14.76
C ILE A 191 8.23 -19.46 14.38
N ARG A 192 7.25 -18.62 14.04
CA ARG A 192 5.94 -19.14 13.68
C ARG A 192 6.08 -20.03 12.47
N LYS A 193 6.64 -19.46 11.41
CA LYS A 193 6.84 -20.21 10.18
C LYS A 193 7.53 -21.54 10.51
N GLU A 194 8.38 -21.55 11.53
CA GLU A 194 9.12 -22.77 11.88
C GLU A 194 8.23 -23.80 12.57
N TYR A 195 7.30 -23.31 13.38
CA TYR A 195 6.36 -24.17 14.08
C TYR A 195 5.39 -24.77 13.09
N SER A 196 4.98 -23.94 12.14
CA SER A 196 4.12 -24.39 11.05
C SER A 196 4.72 -25.62 10.38
N VAL A 197 5.87 -25.43 9.74
CA VAL A 197 6.46 -26.50 8.95
C VAL A 197 6.94 -27.71 9.76
N SER A 198 7.05 -27.57 11.08
CA SER A 198 7.43 -28.71 11.93
C SER A 198 6.17 -29.27 12.57
N ARG A 199 5.03 -28.91 12.00
CA ARG A 199 3.72 -29.14 12.63
C ARG A 199 3.78 -29.07 14.16
N VAL A 200 4.40 -28.01 14.67
CA VAL A 200 4.40 -27.69 16.10
C VAL A 200 3.16 -26.85 16.32
N ASN A 201 2.28 -27.28 17.21
CA ASN A 201 1.06 -26.53 17.40
C ASN A 201 1.05 -25.65 18.62
N VAL A 202 1.88 -24.61 18.57
CA VAL A 202 1.86 -23.57 19.58
C VAL A 202 1.62 -22.27 18.83
N SER A 203 0.54 -21.60 19.16
CA SER A 203 0.18 -20.40 18.46
C SER A 203 1.06 -19.33 19.05
N ILE A 204 1.25 -18.26 18.31
CA ILE A 204 2.06 -17.15 18.76
C ILE A 204 1.36 -15.88 18.33
N THR A 205 1.14 -14.99 19.30
CA THR A 205 0.40 -13.79 19.02
C THR A 205 1.30 -12.63 19.34
N LEU A 206 1.50 -11.76 18.35
CA LEU A 206 2.23 -10.51 18.50
C LEU A 206 1.22 -9.41 18.67
N CYS A 207 1.40 -8.56 19.70
CA CYS A 207 0.41 -7.54 20.02
C CYS A 207 0.93 -6.12 19.78
N VAL A 208 0.49 -5.54 18.67
CA VAL A 208 0.86 -4.19 18.35
C VAL A 208 -0.06 -3.23 19.07
N LEU A 209 0.49 -2.54 20.05
CA LEU A 209 -0.31 -1.68 20.89
C LEU A 209 0.08 -0.24 20.66
N GLY A 210 -0.93 0.61 20.45
CA GLY A 210 -0.74 2.05 20.46
C GLY A 210 -0.52 2.51 21.88
N LEU A 211 -0.66 3.81 22.11
CA LEU A 211 -0.47 4.36 23.46
C LEU A 211 -1.57 3.91 24.44
N ILE A 212 -1.15 3.50 25.63
CA ILE A 212 -2.07 2.96 26.64
C ILE A 212 -1.94 3.74 27.93
N ASP A 213 -3.06 3.84 28.66
CA ASP A 213 -3.19 4.74 29.82
C ASP A 213 -2.57 4.26 31.12
N THR A 214 -1.38 3.67 31.05
CA THR A 214 -0.72 3.16 32.25
C THR A 214 0.01 4.28 32.98
N GLU A 215 0.14 4.13 34.29
CA GLU A 215 0.83 5.12 35.10
C GLU A 215 2.10 5.58 34.41
N THR A 216 3.00 4.62 34.17
CA THR A 216 4.31 4.89 33.56
C THR A 216 4.23 5.65 32.23
N ALA A 217 3.43 5.13 31.32
CA ALA A 217 3.29 5.75 30.01
C ALA A 217 2.76 7.16 30.14
N MET A 218 1.70 7.33 30.95
CA MET A 218 1.10 8.63 31.14
C MET A 218 2.08 9.58 31.81
N LYS A 219 2.91 9.08 32.71
CA LYS A 219 3.91 9.92 33.35
C LYS A 219 4.85 10.56 32.32
N ALA A 220 5.23 9.80 31.30
CA ALA A 220 6.20 10.29 30.32
C ALA A 220 5.55 11.18 29.28
N VAL A 221 4.38 10.77 28.81
CA VAL A 221 3.50 11.58 27.95
C VAL A 221 2.59 12.49 28.78
N SER A 222 1.33 12.63 28.35
CA SER A 222 0.38 13.50 29.04
C SER A 222 0.93 14.93 29.19
N GLY A 223 0.62 15.76 28.20
CA GLY A 223 1.30 17.04 28.07
C GLY A 223 2.09 17.03 26.76
N ILE A 224 1.88 15.96 26.00
CA ILE A 224 2.40 15.81 24.64
C ILE A 224 1.30 15.20 23.74
N VAL A 225 0.22 14.75 24.37
CA VAL A 225 -0.96 14.22 23.68
C VAL A 225 -0.69 14.03 22.19
N GLN A 228 -3.81 10.58 22.22
CA GLN A 228 -4.53 10.11 23.41
C GLN A 228 -4.51 8.58 23.55
N ALA A 229 -4.44 8.11 24.79
CA ALA A 229 -4.23 6.69 25.07
C ALA A 229 -5.51 5.89 25.17
N ALA A 230 -5.45 4.64 24.74
CA ALA A 230 -6.58 3.72 24.87
C ALA A 230 -6.66 3.16 26.30
N PRO A 231 -7.86 2.76 26.74
CA PRO A 231 -7.97 2.30 28.12
C PRO A 231 -7.17 1.04 28.41
N LYS A 232 -6.34 1.08 29.45
CA LYS A 232 -5.52 -0.08 29.83
C LYS A 232 -6.35 -1.34 30.02
N GLU A 233 -7.53 -1.20 30.62
CA GLU A 233 -8.35 -2.33 30.98
C GLU A 233 -8.76 -3.14 29.76
N GLU A 234 -9.09 -2.45 28.67
CA GLU A 234 -9.55 -3.13 27.47
C GLU A 234 -8.36 -3.72 26.73
N CYS A 235 -7.28 -2.95 26.69
CA CYS A 235 -6.03 -3.42 26.13
C CYS A 235 -5.73 -4.81 26.67
N ALA A 236 -5.62 -4.88 27.99
CA ALA A 236 -5.35 -6.14 28.65
C ALA A 236 -6.24 -7.23 28.08
N LEU A 237 -7.51 -6.87 27.89
CA LEU A 237 -8.55 -7.80 27.45
C LEU A 237 -8.33 -8.28 26.02
N GLU A 238 -8.14 -7.33 25.11
CA GLU A 238 -7.96 -7.67 23.71
C GLU A 238 -6.75 -8.58 23.53
N ILE A 239 -5.67 -8.24 24.22
CA ILE A 239 -4.49 -9.09 24.25
C ILE A 239 -4.98 -10.50 24.56
N ILE A 240 -5.68 -10.65 25.67
CA ILE A 240 -6.12 -11.97 26.12
C ILE A 240 -6.96 -12.70 25.08
N LYS A 241 -7.83 -11.97 24.39
CA LYS A 241 -8.67 -12.57 23.36
C LYS A 241 -7.83 -13.10 22.21
N GLY A 242 -7.01 -12.23 21.62
CA GLY A 242 -6.17 -12.60 20.49
C GLY A 242 -5.37 -13.85 20.78
N GLY A 243 -4.85 -13.92 22.01
CA GLY A 243 -4.10 -15.09 22.45
C GLY A 243 -4.92 -16.37 22.55
N ALA A 244 -6.10 -16.28 23.16
CA ALA A 244 -6.97 -17.46 23.32
C ALA A 244 -7.48 -17.92 21.96
N LEU A 245 -7.80 -16.97 21.10
CA LEU A 245 -8.32 -17.29 19.79
C LEU A 245 -7.22 -17.62 18.79
N ARG A 246 -5.99 -17.74 19.30
CA ARG A 246 -4.81 -18.14 18.52
C ARG A 246 -4.53 -17.34 17.23
N GLN A 247 -4.73 -16.02 17.31
CA GLN A 247 -4.50 -15.13 16.18
C GLN A 247 -3.05 -14.69 16.08
N GLU A 248 -2.55 -14.59 14.85
CA GLU A 248 -1.16 -14.20 14.64
C GLU A 248 -0.83 -12.81 15.21
N GLU A 249 -1.62 -11.81 14.83
CA GLU A 249 -1.43 -10.45 15.34
C GLU A 249 -2.73 -9.89 15.90
N VAL A 250 -2.60 -9.02 16.88
CA VAL A 250 -3.74 -8.29 17.41
C VAL A 250 -3.33 -6.83 17.43
N TYR A 251 -4.23 -5.96 16.96
CA TYR A 251 -3.96 -4.55 17.01
C TYR A 251 -4.91 -3.90 18.00
N TYR A 252 -4.39 -2.98 18.80
CA TYR A 252 -5.23 -2.26 19.72
C TYR A 252 -4.69 -0.85 19.84
N ASP A 253 -5.30 0.06 19.10
CA ASP A 253 -4.92 1.44 19.13
C ASP A 253 -6.19 2.28 19.10
N SER A 254 -6.25 3.27 19.99
CA SER A 254 -7.43 4.11 20.17
C SER A 254 -7.95 4.68 18.85
N SER A 255 -7.05 5.22 18.03
CA SER A 255 -7.42 5.80 16.74
C SER A 255 -7.69 4.75 15.68
N LEU A 256 -8.94 4.65 15.25
CA LEU A 256 -9.32 3.68 14.20
C LEU A 256 -8.74 4.06 12.83
N TRP A 257 -8.20 5.26 12.73
CA TRP A 257 -7.42 5.68 11.57
C TRP A 257 -6.31 4.66 11.39
N THR A 258 -5.46 4.59 12.40
CA THR A 258 -4.30 3.71 12.50
C THR A 258 -4.56 2.23 12.30
N THR A 259 -5.46 1.70 13.13
CA THR A 259 -5.73 0.26 13.15
C THR A 259 -5.97 -0.34 11.76
N LEU A 260 -6.44 0.45 10.81
CA LEU A 260 -6.77 -0.07 9.47
C LEU A 260 -5.60 -0.05 8.49
N LEU A 261 -4.55 0.71 8.79
CA LEU A 261 -3.45 0.86 7.86
C LEU A 261 -2.26 -0.02 8.25
N ILE A 262 -1.98 -0.08 9.55
CA ILE A 262 -0.88 -0.88 10.05
C ILE A 262 -0.77 -2.17 9.28
N ARG A 263 -1.89 -2.83 9.04
CA ARG A 263 -1.85 -4.07 8.31
C ARG A 263 -0.83 -3.88 7.20
N ASN A 264 -0.41 -4.97 6.58
CA ASN A 264 0.63 -4.88 5.56
C ASN A 264 0.68 -6.12 4.67
N PRO A 265 -0.09 -6.09 3.58
CA PRO A 265 -0.24 -7.11 2.55
C PRO A 265 1.04 -7.44 1.78
N SER A 266 1.87 -6.44 1.50
CA SER A 266 3.12 -6.68 0.79
C SER A 266 3.92 -7.77 1.52
N ARG A 267 3.92 -7.70 2.84
CA ARG A 267 4.62 -8.68 3.65
C ARG A 267 3.91 -10.03 3.63
N LYS A 268 2.62 -10.03 3.95
CA LYS A 268 1.83 -11.27 3.92
C LYS A 268 2.00 -11.96 2.57
N ILE A 269 1.99 -11.16 1.51
CA ILE A 269 2.21 -11.68 0.16
C ILE A 269 3.61 -12.25 0.06
N LEU A 270 4.61 -11.39 0.28
CA LEU A 270 6.01 -11.76 0.14
C LEU A 270 6.39 -12.98 1.00
N GLU A 271 5.81 -13.06 2.20
CA GLU A 271 6.02 -14.22 3.05
C GLU A 271 5.39 -15.47 2.42
N PHE A 272 4.10 -15.40 2.15
CA PHE A 272 3.37 -16.53 1.57
C PHE A 272 3.85 -16.93 0.17
N LEU A 273 4.20 -15.93 -0.64
CA LEU A 273 4.74 -16.17 -1.96
C LEU A 273 5.99 -17.04 -1.90
N TYR A 274 6.86 -16.75 -0.94
CA TYR A 274 8.12 -17.49 -0.76
C TYR A 274 7.96 -18.71 0.15
N SER A 275 6.73 -19.04 0.50
CA SER A 275 6.44 -20.19 1.35
C SER A 275 6.31 -21.46 0.50
N THR A 276 5.32 -21.46 -0.38
CA THR A 276 5.10 -22.57 -1.30
C THR A 276 6.25 -22.70 -2.31
N SER A 277 7.35 -22.02 -2.02
CA SER A 277 8.56 -22.08 -2.85
C SER A 277 9.60 -23.07 -2.32
N TYR A 278 9.86 -23.03 -1.01
CA TYR A 278 10.85 -23.92 -0.41
C TYR A 278 12.24 -23.32 -0.51
N GLN B 15 17.43 14.15 3.93
CA GLN B 15 16.89 14.65 2.63
C GLN B 15 17.82 14.30 1.46
N PRO B 16 17.38 13.35 0.61
CA PRO B 16 18.13 12.80 -0.52
C PRO B 16 18.42 13.86 -1.60
N LEU B 17 19.65 13.85 -2.11
CA LEU B 17 20.00 14.71 -3.23
C LEU B 17 19.16 14.31 -4.44
N ASN B 18 18.63 15.30 -5.15
CA ASN B 18 17.72 15.03 -6.27
C ASN B 18 18.39 15.01 -7.64
N GLU B 19 19.45 14.22 -7.77
CA GLU B 19 20.17 14.14 -9.04
C GLU B 19 21.01 12.86 -9.11
N GLU B 20 21.07 12.25 -10.29
CA GLU B 20 21.83 11.02 -10.48
C GLU B 20 23.20 11.11 -9.80
N PHE B 21 23.79 9.95 -9.54
CA PHE B 21 25.09 9.89 -8.89
C PHE B 21 26.20 9.59 -9.89
N ARG B 22 27.42 10.00 -9.55
CA ARG B 22 28.57 9.78 -10.42
C ARG B 22 29.82 9.44 -9.61
N PRO B 23 30.52 8.40 -10.02
CA PRO B 23 31.74 7.97 -9.33
C PRO B 23 32.54 9.16 -8.80
N GLU B 24 32.32 10.33 -9.38
CA GLU B 24 33.02 11.54 -8.96
C GLU B 24 32.61 11.96 -7.56
N MET B 25 31.46 11.45 -7.10
CA MET B 25 30.95 11.76 -5.76
C MET B 25 31.78 11.15 -4.62
N LEU B 26 32.44 10.01 -4.86
CA LEU B 26 33.18 9.30 -3.82
C LEU B 26 34.69 9.57 -3.79
N GLN B 27 35.20 10.29 -4.78
CA GLN B 27 36.64 10.53 -4.87
C GLN B 27 37.16 11.40 -3.72
N GLY B 28 38.20 10.92 -3.04
CA GLY B 28 38.74 11.66 -1.91
C GLY B 28 37.87 11.54 -0.66
N LYS B 29 36.72 10.91 -0.81
CA LYS B 29 35.86 10.63 0.32
C LYS B 29 36.48 9.51 1.17
N LYS B 30 36.58 9.76 2.48
CA LYS B 30 37.22 8.81 3.37
C LYS B 30 36.21 7.82 3.93
N VAL B 31 36.42 6.54 3.66
CA VAL B 31 35.38 5.55 3.92
C VAL B 31 35.82 4.30 4.67
N ILE B 32 34.98 3.88 5.61
CA ILE B 32 35.19 2.68 6.39
C ILE B 32 34.25 1.67 5.80
N VAL B 33 34.69 0.42 5.66
CA VAL B 33 33.80 -0.68 5.29
C VAL B 33 34.07 -1.86 6.23
N THR B 34 33.04 -2.38 6.87
CA THR B 34 33.21 -3.50 7.78
C THR B 34 32.86 -4.80 7.08
N GLY B 35 33.28 -5.91 7.67
CA GLY B 35 33.16 -7.21 7.00
C GLY B 35 33.56 -7.12 5.54
N ALA B 36 34.73 -6.53 5.28
CA ALA B 36 35.11 -6.26 3.90
C ALA B 36 36.14 -7.25 3.36
N SER B 37 36.45 -8.29 4.14
CA SER B 37 37.41 -9.25 3.68
C SER B 37 36.83 -10.03 2.51
N LYS B 38 35.56 -10.43 2.62
CA LYS B 38 34.94 -11.23 1.56
C LYS B 38 33.58 -10.69 1.08
N GLY B 39 32.94 -11.42 0.17
CA GLY B 39 31.59 -11.10 -0.26
C GLY B 39 31.30 -9.65 -0.60
N ILE B 40 30.09 -9.20 -0.28
CA ILE B 40 29.63 -7.86 -0.63
C ILE B 40 30.55 -6.76 -0.15
N GLY B 41 31.12 -6.94 1.03
CA GLY B 41 32.04 -5.93 1.58
C GLY B 41 33.31 -5.73 0.76
N ARG B 42 33.91 -6.85 0.33
CA ARG B 42 35.08 -6.77 -0.52
C ARG B 42 34.73 -5.99 -1.78
N GLU B 43 33.68 -6.43 -2.45
CA GLU B 43 33.19 -5.73 -3.62
C GLU B 43 33.03 -4.23 -3.36
N MET B 44 32.48 -3.87 -2.22
CA MET B 44 32.31 -2.46 -1.93
C MET B 44 33.67 -1.79 -1.85
N ALA B 45 34.61 -2.41 -1.16
CA ALA B 45 35.92 -1.80 -1.07
C ALA B 45 36.51 -1.59 -2.48
N TYR B 46 36.43 -2.61 -3.33
CA TYR B 46 36.90 -2.50 -4.71
C TYR B 46 36.25 -1.34 -5.49
N HIS B 47 34.92 -1.29 -5.54
CA HIS B 47 34.27 -0.14 -6.16
C HIS B 47 34.82 1.18 -5.62
N LEU B 48 34.91 1.31 -4.30
CA LEU B 48 35.40 2.56 -3.73
C LEU B 48 36.80 2.87 -4.20
N ALA B 49 37.60 1.83 -4.40
CA ALA B 49 38.97 2.01 -4.87
C ALA B 49 39.00 2.42 -6.34
N LYS B 50 38.28 1.69 -7.19
CA LYS B 50 38.10 2.13 -8.57
C LYS B 50 37.73 3.62 -8.59
N MET B 51 37.05 4.11 -7.57
CA MET B 51 36.65 5.52 -7.54
C MET B 51 37.66 6.49 -6.92
N GLY B 52 38.71 5.99 -6.29
CA GLY B 52 39.74 6.86 -5.74
C GLY B 52 39.47 7.37 -4.34
N ALA B 53 38.53 6.72 -3.65
CA ALA B 53 38.28 7.02 -2.24
C ALA B 53 39.47 6.56 -1.41
N HIS B 54 39.53 7.02 -0.16
CA HIS B 54 40.37 6.39 0.85
C HIS B 54 39.53 5.31 1.51
N VAL B 55 40.14 4.21 1.94
CA VAL B 55 39.33 3.17 2.57
C VAL B 55 40.04 2.51 3.72
N VAL B 56 39.28 2.21 4.76
CA VAL B 56 39.76 1.32 5.80
C VAL B 56 38.77 0.17 5.89
N VAL B 57 39.30 -1.06 5.84
CA VAL B 57 38.47 -2.24 5.85
C VAL B 57 38.76 -3.03 7.11
N THR B 58 37.83 -3.88 7.52
CA THR B 58 38.03 -4.68 8.71
C THR B 58 37.33 -6.02 8.66
N ALA B 59 37.82 -6.94 9.46
CA ALA B 59 37.22 -8.24 9.63
C ALA B 59 38.17 -8.97 10.54
N ARG B 60 37.97 -10.25 10.78
CA ARG B 60 38.87 -10.94 11.68
C ARG B 60 40.17 -11.39 10.99
N SER B 61 40.08 -11.93 9.78
CA SER B 61 41.26 -12.48 9.11
C SER B 61 42.16 -11.46 8.42
N LYS B 62 43.35 -11.27 9.01
CA LYS B 62 44.36 -10.37 8.49
C LYS B 62 44.80 -10.81 7.08
N GLU B 63 44.90 -12.12 6.86
CA GLU B 63 45.33 -12.67 5.58
C GLU B 63 44.48 -12.11 4.45
N THR B 64 43.20 -12.41 4.49
CA THR B 64 42.29 -11.96 3.45
C THR B 64 42.22 -10.46 3.35
N LEU B 65 42.41 -9.77 4.47
CA LEU B 65 42.34 -8.33 4.44
C LEU B 65 43.50 -7.75 3.60
N GLN B 66 44.70 -8.26 3.85
CA GLN B 66 45.87 -7.82 3.08
C GLN B 66 45.59 -7.93 1.59
N LYS B 67 45.03 -9.05 1.17
CA LYS B 67 44.71 -9.27 -0.23
C LYS B 67 43.83 -8.16 -0.76
N VAL B 68 42.82 -7.79 0.03
CA VAL B 68 41.87 -6.78 -0.37
C VAL B 68 42.57 -5.44 -0.53
N VAL B 69 43.26 -5.03 0.52
CA VAL B 69 43.95 -3.75 0.53
C VAL B 69 44.88 -3.62 -0.67
N SER B 70 45.73 -4.61 -0.81
CA SER B 70 46.68 -4.61 -1.89
C SER B 70 45.93 -4.47 -3.21
N HIS B 71 44.85 -5.21 -3.36
CA HIS B 71 44.12 -5.12 -4.61
C HIS B 71 43.48 -3.75 -4.78
N CYS B 72 43.16 -3.09 -3.66
CA CYS B 72 42.53 -1.77 -3.70
C CYS B 72 43.51 -0.68 -4.12
N LEU B 73 44.76 -0.85 -3.71
CA LEU B 73 45.81 0.11 -4.07
C LEU B 73 46.12 0.02 -5.56
N GLU B 74 45.86 -1.15 -6.15
CA GLU B 74 46.05 -1.36 -7.59
C GLU B 74 44.85 -0.90 -8.42
N LEU B 75 43.72 -0.72 -7.77
CA LEU B 75 42.54 -0.28 -8.48
C LEU B 75 42.47 1.23 -8.44
N GLY B 76 43.31 1.83 -7.59
CA GLY B 76 43.44 3.29 -7.57
C GLY B 76 42.99 4.04 -6.33
N ALA B 77 42.76 3.33 -5.22
CA ALA B 77 42.35 4.02 -4.01
C ALA B 77 43.33 5.13 -3.63
N ALA B 78 42.79 6.28 -3.24
CA ALA B 78 43.61 7.37 -2.70
C ALA B 78 44.47 6.88 -1.56
N SER B 79 43.95 5.90 -0.82
CA SER B 79 44.67 5.24 0.26
C SER B 79 43.87 4.01 0.65
N ALA B 80 44.50 3.12 1.40
CA ALA B 80 43.84 1.86 1.72
C ALA B 80 44.59 1.15 2.84
N HIS B 81 43.98 1.15 4.02
CA HIS B 81 44.54 0.45 5.18
C HIS B 81 43.55 -0.60 5.66
N TYR B 82 43.99 -1.46 6.57
CA TYR B 82 43.14 -2.47 7.17
C TYR B 82 43.45 -2.64 8.65
N ILE B 83 42.44 -3.06 9.40
CA ILE B 83 42.60 -3.32 10.82
C ILE B 83 41.72 -4.50 11.17
N ALA B 84 42.35 -5.63 11.47
CA ALA B 84 41.65 -6.86 11.82
C ALA B 84 41.21 -6.84 13.27
N GLY B 85 40.02 -7.37 13.53
CA GLY B 85 39.52 -7.46 14.88
C GLY B 85 38.16 -8.12 14.83
N THR B 86 37.67 -8.57 15.98
CA THR B 86 36.33 -9.14 16.05
C THR B 86 35.36 -8.07 16.58
N MET B 87 34.19 -8.01 15.96
CA MET B 87 33.16 -7.05 16.34
C MET B 87 32.40 -7.61 17.53
N GLU B 88 32.81 -8.81 17.93
CA GLU B 88 32.31 -9.45 19.13
C GLU B 88 32.81 -8.72 20.36
N ASP B 89 33.74 -7.80 20.17
CA ASP B 89 34.45 -7.12 21.25
C ASP B 89 34.29 -5.61 21.10
N MET B 90 33.45 -5.03 21.95
CA MET B 90 33.03 -3.66 21.78
C MET B 90 34.17 -2.66 21.94
N THR B 91 35.23 -3.07 22.62
CA THR B 91 36.39 -2.20 22.82
C THR B 91 37.15 -2.08 21.51
N PHE B 92 37.19 -3.17 20.78
CA PHE B 92 37.85 -3.17 19.50
C PHE B 92 37.07 -2.30 18.53
N ALA B 93 35.76 -2.50 18.49
CA ALA B 93 34.91 -1.74 17.60
C ALA B 93 35.17 -0.26 17.78
N GLU B 94 35.16 0.18 19.03
CA GLU B 94 35.37 1.59 19.36
C GLU B 94 36.77 2.08 19.01
N GLN B 95 37.77 1.23 19.17
CA GLN B 95 39.12 1.66 18.83
C GLN B 95 39.34 1.70 17.31
N PHE B 96 38.77 0.73 16.62
CA PHE B 96 38.83 0.69 15.16
C PHE B 96 38.56 2.06 14.56
N VAL B 97 37.41 2.62 14.91
CA VAL B 97 36.94 3.83 14.27
C VAL B 97 37.92 4.96 14.53
N ALA B 98 38.48 4.98 15.74
CA ALA B 98 39.48 5.98 16.11
C ALA B 98 40.71 5.83 15.21
N GLN B 99 41.33 4.65 15.25
CA GLN B 99 42.51 4.39 14.42
C GLN B 99 42.25 4.75 12.96
N ALA B 100 41.08 4.39 12.47
CA ALA B 100 40.72 4.65 11.09
C ALA B 100 40.56 6.15 10.84
N GLY B 101 39.96 6.86 11.79
CA GLY B 101 39.77 8.28 11.62
C GLY B 101 41.12 8.92 11.38
N LYS B 102 42.11 8.46 12.14
CA LYS B 102 43.45 9.02 12.07
C LYS B 102 44.15 8.60 10.79
N LEU B 103 43.98 7.36 10.37
CA LEU B 103 44.60 6.91 9.12
C LEU B 103 44.14 7.70 7.91
N MET B 104 42.99 8.36 8.01
CA MET B 104 42.42 9.11 6.88
C MET B 104 42.13 10.56 7.23
N GLY B 105 42.52 10.97 8.43
CA GLY B 105 42.28 12.34 8.87
C GLY B 105 40.84 12.76 8.68
N GLY B 106 39.91 11.97 9.17
CA GLY B 106 38.50 12.34 9.06
C GLY B 106 37.65 11.21 8.50
N LEU B 107 36.37 11.46 8.27
CA LEU B 107 35.50 10.41 7.77
C LEU B 107 34.23 10.96 7.10
N ASP B 108 33.89 10.38 5.96
CA ASP B 108 32.76 10.83 5.16
C ASP B 108 31.65 9.79 5.11
N MET B 109 32.01 8.53 5.27
CA MET B 109 30.98 7.52 5.19
C MET B 109 31.36 6.29 5.99
N LEU B 110 30.35 5.65 6.59
CA LEU B 110 30.53 4.49 7.44
C LEU B 110 29.61 3.39 6.98
N ILE B 111 30.18 2.29 6.48
CA ILE B 111 29.38 1.20 5.97
C ILE B 111 29.40 0.01 6.92
N LEU B 112 28.30 -0.20 7.61
CA LEU B 112 28.18 -1.31 8.54
C LEU B 112 27.66 -2.50 7.76
N ASN B 113 28.48 -3.53 7.63
CA ASN B 113 28.17 -4.61 6.71
C ASN B 113 28.38 -6.02 7.31
N HIS B 114 29.20 -6.13 8.35
CA HIS B 114 29.55 -7.44 8.92
C HIS B 114 28.38 -8.11 9.65
N ILE B 115 28.37 -9.44 9.69
CA ILE B 115 27.45 -10.22 10.51
C ILE B 115 28.22 -11.39 11.12
N THR B 116 27.65 -12.06 12.11
CA THR B 116 28.29 -13.22 12.71
C THR B 116 27.97 -14.42 11.85
N ASN B 117 28.85 -15.41 11.83
CA ASN B 117 28.57 -16.61 11.05
C ASN B 117 27.20 -17.14 11.44
N THR B 118 26.47 -17.67 10.46
CA THR B 118 25.17 -18.30 10.70
C THR B 118 24.94 -19.37 9.65
N SER B 119 23.85 -20.12 9.79
CA SER B 119 23.44 -21.10 8.80
C SER B 119 21.93 -21.17 8.80
N LEU B 120 21.36 -21.94 7.88
CA LEU B 120 19.92 -22.14 7.90
C LEU B 120 19.60 -23.35 8.75
N ASN B 121 18.92 -23.13 9.87
CA ASN B 121 18.56 -24.21 10.78
C ASN B 121 17.37 -23.82 11.64
N LEU B 122 16.51 -24.79 11.94
CA LEU B 122 15.45 -24.60 12.93
C LEU B 122 16.03 -24.14 14.25
N PHE B 123 15.31 -23.28 14.96
CA PHE B 123 15.74 -22.79 16.26
C PHE B 123 15.14 -23.57 17.42
N HIS B 124 15.99 -24.20 18.22
CA HIS B 124 15.53 -24.93 19.40
C HIS B 124 15.86 -24.17 20.69
N ASP B 125 17.14 -24.06 21.02
CA ASP B 125 17.55 -23.30 22.19
C ASP B 125 18.98 -22.84 22.10
N ASP B 126 19.30 -22.15 21.01
CA ASP B 126 20.63 -21.58 20.85
C ASP B 126 20.59 -20.12 21.26
N ILE B 127 20.51 -19.90 22.57
CA ILE B 127 20.38 -18.55 23.11
C ILE B 127 21.68 -17.78 22.96
N HIS B 128 22.79 -18.52 22.98
CA HIS B 128 24.12 -17.92 22.84
C HIS B 128 24.30 -17.43 21.41
N HIS B 129 23.68 -18.13 20.46
CA HIS B 129 23.69 -17.65 19.09
C HIS B 129 22.76 -16.45 18.90
N VAL B 130 21.59 -16.49 19.52
CA VAL B 130 20.74 -15.32 19.52
C VAL B 130 21.53 -14.17 20.14
N ARG B 131 22.14 -14.42 21.30
CA ARG B 131 22.87 -13.33 21.95
C ARG B 131 24.02 -12.80 21.10
N LYS B 132 24.75 -13.69 20.44
CA LYS B 132 25.88 -13.29 19.58
C LYS B 132 25.43 -12.48 18.37
N SER B 133 24.39 -12.96 17.68
CA SER B 133 23.76 -12.20 16.62
C SER B 133 23.46 -10.78 17.05
N MET B 134 22.82 -10.62 18.21
CA MET B 134 22.42 -9.30 18.65
C MET B 134 23.64 -8.47 18.99
N GLU B 135 24.64 -9.13 19.58
CA GLU B 135 25.90 -8.46 19.89
C GLU B 135 26.58 -7.98 18.60
N VAL B 136 26.82 -8.90 17.68
CA VAL B 136 27.62 -8.62 16.48
C VAL B 136 26.87 -7.93 15.34
N ASN B 137 25.66 -8.36 15.04
CA ASN B 137 24.97 -7.83 13.86
C ASN B 137 24.28 -6.54 14.18
N PHE B 138 24.09 -6.29 15.47
CA PHE B 138 23.31 -5.11 15.87
C PHE B 138 24.10 -4.22 16.80
N LEU B 139 24.39 -4.73 18.00
CA LEU B 139 25.03 -3.91 19.01
C LEU B 139 26.32 -3.22 18.54
N SER B 140 27.22 -3.97 17.91
CA SER B 140 28.44 -3.34 17.36
C SER B 140 28.16 -2.16 16.39
N TYR B 141 27.13 -2.28 15.56
CA TYR B 141 26.74 -1.17 14.70
C TYR B 141 26.51 0.10 15.53
N VAL B 142 25.75 -0.04 16.62
CA VAL B 142 25.53 1.10 17.50
C VAL B 142 26.87 1.64 18.03
N VAL B 143 27.70 0.75 18.55
CA VAL B 143 28.99 1.20 19.09
C VAL B 143 29.79 1.94 18.02
N LEU B 144 29.87 1.33 16.84
CA LEU B 144 30.55 1.93 15.69
C LEU B 144 29.97 3.30 15.33
N THR B 145 28.64 3.36 15.30
CA THR B 145 27.94 4.57 14.96
C THR B 145 28.26 5.65 15.96
N VAL B 146 28.23 5.29 17.24
CA VAL B 146 28.46 6.30 18.27
C VAL B 146 29.85 6.89 18.16
N ALA B 147 30.83 6.03 17.82
CA ALA B 147 32.23 6.40 17.76
C ALA B 147 32.58 7.22 16.51
N ALA B 148 31.80 7.03 15.46
CA ALA B 148 32.02 7.70 14.18
C ALA B 148 31.22 8.99 14.05
N LEU B 149 30.12 9.07 14.78
CA LEU B 149 29.22 10.21 14.66
C LEU B 149 29.89 11.60 14.69
N PRO B 150 30.85 11.83 15.61
CA PRO B 150 31.55 13.13 15.59
C PRO B 150 32.17 13.49 14.23
N MET B 151 33.08 12.67 13.73
CA MET B 151 33.66 12.91 12.42
C MET B 151 32.57 13.10 11.36
N LEU B 152 31.73 12.08 11.18
CA LEU B 152 30.60 12.18 10.26
C LEU B 152 29.87 13.52 10.36
N LYS B 153 29.71 14.03 11.59
CA LYS B 153 29.08 15.33 11.76
C LYS B 153 29.91 16.39 11.03
N GLN B 154 31.20 16.42 11.35
CA GLN B 154 32.20 17.30 10.73
C GLN B 154 32.13 17.37 9.19
N SER B 155 31.68 16.29 8.56
CA SER B 155 31.76 16.13 7.10
C SER B 155 30.39 15.93 6.46
N ASN B 156 29.34 16.20 7.23
CA ASN B 156 27.98 15.96 6.74
C ASN B 156 27.88 14.61 6.04
N GLY B 157 28.42 13.60 6.70
CA GLY B 157 28.57 12.28 6.11
C GLY B 157 27.36 11.37 6.20
N SER B 158 27.63 10.08 6.06
CA SER B 158 26.57 9.10 5.88
C SER B 158 26.85 7.85 6.65
N ILE B 159 25.78 7.22 7.12
CA ILE B 159 25.85 5.90 7.67
C ILE B 159 25.08 5.00 6.73
N VAL B 160 25.67 3.84 6.44
CA VAL B 160 25.08 2.89 5.57
C VAL B 160 25.03 1.59 6.34
N VAL B 161 23.81 1.09 6.52
CA VAL B 161 23.58 -0.13 7.26
C VAL B 161 23.04 -1.15 6.27
N VAL B 162 23.67 -2.31 6.23
CA VAL B 162 23.32 -3.34 5.27
C VAL B 162 22.38 -4.35 5.93
N SER B 163 21.20 -4.54 5.37
CA SER B 163 20.20 -5.41 5.98
C SER B 163 19.69 -6.48 4.99
N SER B 164 18.43 -6.92 5.13
CA SER B 164 17.87 -7.97 4.27
C SER B 164 16.37 -7.90 4.14
N LEU B 165 15.85 -8.75 3.27
CA LEU B 165 14.42 -9.00 3.23
C LEU B 165 14.07 -9.56 4.60
N ALA B 166 14.92 -10.48 5.05
CA ALA B 166 14.70 -11.11 6.36
C ALA B 166 14.77 -10.09 7.48
N GLY B 167 15.03 -8.84 7.12
CA GLY B 167 14.95 -7.77 8.11
C GLY B 167 13.67 -6.98 7.91
N LYS B 168 12.83 -7.41 6.98
CA LYS B 168 11.57 -6.72 6.70
C LYS B 168 10.38 -7.68 6.73
N VAL B 169 10.66 -8.97 6.56
CA VAL B 169 9.61 -9.97 6.55
C VAL B 169 10.20 -11.25 7.15
N ALA B 170 9.34 -12.20 7.50
CA ALA B 170 9.78 -13.35 8.27
C ALA B 170 9.98 -14.56 7.40
N TYR B 171 11.16 -15.16 7.53
CA TYR B 171 11.44 -16.46 6.93
C TYR B 171 11.73 -17.45 8.05
N PRO B 172 11.40 -18.73 7.84
CA PRO B 172 11.88 -19.75 8.77
C PRO B 172 13.36 -20.04 8.53
N MET B 173 14.05 -20.52 9.56
CA MET B 173 15.46 -20.89 9.44
C MET B 173 16.47 -19.76 9.74
N VAL B 174 15.99 -18.55 9.99
CA VAL B 174 16.89 -17.41 10.25
C VAL B 174 16.47 -16.51 11.43
N ALA B 175 15.85 -17.08 12.46
CA ALA B 175 15.27 -16.30 13.54
C ALA B 175 16.24 -15.32 14.15
N ALA B 176 17.23 -15.83 14.86
CA ALA B 176 18.30 -15.00 15.42
C ALA B 176 18.69 -13.91 14.44
N TYR B 177 19.02 -14.33 13.21
CA TYR B 177 19.46 -13.42 12.17
C TYR B 177 18.44 -12.31 11.95
N SER B 178 17.19 -12.70 11.73
CA SER B 178 16.12 -11.75 11.49
C SER B 178 15.96 -10.79 12.65
N ALA B 179 15.86 -11.36 13.85
CA ALA B 179 15.67 -10.53 15.03
C ALA B 179 16.69 -9.40 14.98
N SER B 180 17.94 -9.74 14.71
CA SER B 180 18.97 -8.71 14.70
C SER B 180 18.80 -7.71 13.55
N LYS B 181 18.33 -8.18 12.40
CA LYS B 181 18.23 -7.27 11.26
C LYS B 181 17.06 -6.33 11.43
N PHE B 182 15.94 -6.88 11.89
CA PHE B 182 14.81 -6.10 12.35
C PHE B 182 15.29 -5.07 13.37
N ALA B 183 16.05 -5.50 14.37
CA ALA B 183 16.55 -4.55 15.34
C ALA B 183 17.20 -3.32 14.69
N LEU B 184 17.98 -3.55 13.63
CA LEU B 184 18.69 -2.46 12.95
C LEU B 184 17.69 -1.47 12.39
N ASP B 185 16.58 -1.99 11.91
CA ASP B 185 15.58 -1.15 11.29
C ASP B 185 15.01 -0.24 12.38
N GLY B 186 14.46 -0.87 13.41
CA GLY B 186 13.90 -0.14 14.52
C GLY B 186 14.85 0.92 15.04
N PHE B 187 16.08 0.51 15.34
CA PHE B 187 17.02 1.44 15.93
C PHE B 187 17.50 2.53 14.97
N PHE B 188 17.74 2.19 13.73
CA PHE B 188 18.30 3.20 12.88
C PHE B 188 17.24 4.12 12.31
N SER B 189 16.08 3.56 11.97
CA SER B 189 14.97 4.34 11.47
C SER B 189 14.54 5.31 12.55
N SER B 190 14.65 4.88 13.80
CA SER B 190 14.25 5.74 14.91
C SER B 190 15.28 6.83 15.12
N ILE B 191 16.56 6.42 15.04
CA ILE B 191 17.64 7.38 15.07
C ILE B 191 17.54 8.40 13.95
N ARG B 192 17.03 7.98 12.78
CA ARG B 192 16.89 8.89 11.64
C ARG B 192 15.97 10.06 12.00
N LYS B 193 14.80 9.71 12.52
CA LYS B 193 13.89 10.70 13.08
C LYS B 193 14.56 11.66 14.06
N GLU B 194 15.42 11.15 14.94
CA GLU B 194 16.03 12.02 15.94
C GLU B 194 17.01 13.00 15.35
N TYR B 195 17.71 12.59 14.30
CA TYR B 195 18.64 13.48 13.62
C TYR B 195 17.87 14.60 12.93
N SER B 196 16.67 14.29 12.47
CA SER B 196 15.86 15.27 11.78
C SER B 196 15.35 16.35 12.75
N VAL B 197 14.88 15.93 13.92
CA VAL B 197 14.44 16.92 14.90
C VAL B 197 15.60 17.58 15.64
N SER B 198 16.82 17.06 15.46
CA SER B 198 17.98 17.70 16.07
C SER B 198 18.68 18.49 15.00
N ARG B 199 18.21 18.30 13.77
CA ARG B 199 18.85 18.87 12.60
C ARG B 199 20.33 18.50 12.55
N VAL B 200 20.60 17.20 12.66
CA VAL B 200 21.95 16.69 12.44
C VAL B 200 22.08 16.29 10.98
N ASN B 201 23.09 16.81 10.30
CA ASN B 201 23.19 16.58 8.87
C ASN B 201 24.07 15.36 8.54
N VAL B 202 23.55 14.18 8.84
CA VAL B 202 24.23 12.94 8.59
C VAL B 202 23.15 11.95 8.15
N SER B 203 23.22 11.50 6.91
CA SER B 203 22.15 10.69 6.38
C SER B 203 22.31 9.27 6.89
N ILE B 204 21.21 8.53 6.91
CA ILE B 204 21.22 7.11 7.27
C ILE B 204 20.48 6.30 6.22
N THR B 205 21.19 5.35 5.61
CA THR B 205 20.63 4.55 4.54
C THR B 205 20.50 3.11 4.98
N LEU B 206 19.29 2.58 5.00
CA LEU B 206 19.12 1.17 5.31
C LEU B 206 18.98 0.39 4.00
N CYS B 207 19.78 -0.67 3.85
CA CYS B 207 19.79 -1.44 2.61
C CYS B 207 19.11 -2.78 2.77
N VAL B 208 18.06 -2.98 1.97
CA VAL B 208 17.31 -4.22 2.01
C VAL B 208 17.69 -5.08 0.82
N LEU B 209 18.41 -6.18 1.08
CA LEU B 209 18.91 -7.02 0.02
C LEU B 209 18.20 -8.34 -0.03
N GLY B 210 18.09 -8.89 -1.23
CA GLY B 210 17.54 -10.21 -1.41
C GLY B 210 18.74 -11.14 -1.51
N LEU B 211 18.51 -12.35 -1.99
CA LEU B 211 19.58 -13.33 -2.11
C LEU B 211 20.70 -12.84 -3.03
N ILE B 212 21.93 -12.81 -2.50
CA ILE B 212 23.10 -12.39 -3.27
C ILE B 212 24.10 -13.50 -3.41
N ASP B 213 24.81 -13.53 -4.54
CA ASP B 213 25.64 -14.69 -4.85
C ASP B 213 27.02 -14.64 -4.20
N THR B 214 27.06 -14.36 -2.91
CA THR B 214 28.32 -14.40 -2.17
C THR B 214 28.70 -15.83 -1.84
N GLU B 215 30.00 -16.04 -1.61
CA GLU B 215 30.48 -17.37 -1.26
C GLU B 215 29.58 -17.97 -0.17
N THR B 216 29.45 -17.25 0.95
CA THR B 216 28.67 -17.74 2.07
C THR B 216 27.23 -18.08 1.75
N ALA B 217 26.52 -17.15 1.11
CA ALA B 217 25.11 -17.37 0.79
C ALA B 217 24.93 -18.58 -0.11
N MET B 218 25.70 -18.62 -1.19
CA MET B 218 25.53 -19.70 -2.13
C MET B 218 25.85 -21.01 -1.46
N LYS B 219 26.92 -21.02 -0.66
CA LYS B 219 27.29 -22.19 0.10
C LYS B 219 26.08 -22.67 0.90
N ALA B 220 25.50 -21.74 1.66
CA ALA B 220 24.46 -22.08 2.63
C ALA B 220 23.14 -22.56 2.02
N VAL B 221 22.74 -21.96 0.91
CA VAL B 221 21.51 -22.35 0.24
C VAL B 221 21.76 -23.26 -0.94
N SER B 222 22.86 -24.02 -0.90
CA SER B 222 23.29 -24.86 -2.02
C SER B 222 22.14 -25.55 -2.75
N GLY B 223 21.37 -26.36 -2.01
CA GLY B 223 20.26 -27.10 -2.60
C GLY B 223 19.03 -27.07 -1.74
N ILE B 224 18.45 -25.87 -1.58
CA ILE B 224 17.23 -25.70 -0.80
C ILE B 224 16.36 -24.55 -1.35
N VAL B 225 16.82 -23.89 -2.40
CA VAL B 225 16.09 -22.73 -2.92
C VAL B 225 16.13 -22.69 -4.45
N GLN B 228 17.00 -17.09 -7.65
CA GLN B 228 18.21 -16.65 -8.32
C GLN B 228 18.85 -15.48 -7.57
N ALA B 229 20.14 -15.58 -7.30
CA ALA B 229 20.85 -14.57 -6.53
C ALA B 229 21.35 -13.47 -7.44
N ALA B 230 21.39 -12.25 -6.94
CA ALA B 230 21.87 -11.14 -7.74
C ALA B 230 23.40 -11.10 -7.76
N PRO B 231 23.99 -10.43 -8.76
CA PRO B 231 25.43 -10.25 -8.76
C PRO B 231 25.89 -9.37 -7.59
N LYS B 232 26.85 -9.87 -6.81
CA LYS B 232 27.31 -9.16 -5.63
C LYS B 232 28.06 -7.87 -5.97
N GLU B 233 28.57 -7.75 -7.18
CA GLU B 233 29.36 -6.58 -7.50
C GLU B 233 28.47 -5.41 -7.84
N GLU B 234 27.33 -5.71 -8.49
CA GLU B 234 26.33 -4.69 -8.82
C GLU B 234 25.64 -4.25 -7.54
N CYS B 235 25.23 -5.21 -6.73
CA CYS B 235 24.72 -4.97 -5.39
C CYS B 235 25.63 -3.99 -4.65
N ALA B 236 26.91 -4.35 -4.55
CA ALA B 236 27.88 -3.51 -3.85
C ALA B 236 27.81 -2.06 -4.28
N LEU B 237 27.62 -1.84 -5.59
CA LEU B 237 27.57 -0.50 -6.15
C LEU B 237 26.26 0.23 -5.82
N GLU B 238 25.15 -0.50 -5.88
CA GLU B 238 23.89 0.08 -5.48
C GLU B 238 24.05 0.65 -4.07
N ILE B 239 24.48 -0.20 -3.14
CA ILE B 239 24.65 0.21 -1.76
C ILE B 239 25.37 1.54 -1.68
N ILE B 240 26.53 1.62 -2.31
CA ILE B 240 27.30 2.86 -2.31
C ILE B 240 26.51 4.01 -2.94
N LYS B 241 25.86 3.76 -4.07
CA LYS B 241 25.06 4.81 -4.72
C LYS B 241 23.95 5.34 -3.81
N GLY B 242 23.19 4.43 -3.20
CA GLY B 242 22.20 4.82 -2.18
C GLY B 242 22.81 5.67 -1.07
N GLY B 243 24.01 5.31 -0.62
CA GLY B 243 24.65 6.04 0.46
C GLY B 243 25.00 7.48 0.08
N ALA B 244 25.52 7.65 -1.12
CA ALA B 244 26.04 8.95 -1.55
C ALA B 244 24.92 9.87 -1.98
N LEU B 245 23.84 9.30 -2.48
CA LEU B 245 22.63 10.04 -2.78
C LEU B 245 21.79 10.29 -1.53
N ARG B 246 22.28 9.81 -0.37
CA ARG B 246 21.58 9.98 0.89
C ARG B 246 20.14 9.40 0.91
N GLN B 247 19.95 8.30 0.22
CA GLN B 247 18.65 7.66 0.26
C GLN B 247 18.41 7.05 1.64
N GLU B 248 17.18 7.14 2.12
CA GLU B 248 16.79 6.46 3.35
C GLU B 248 16.88 4.95 3.19
N GLU B 249 16.38 4.43 2.08
CA GLU B 249 16.41 3.00 1.84
C GLU B 249 16.85 2.61 0.42
N VAL B 250 17.57 1.50 0.34
CA VAL B 250 17.94 0.93 -0.95
C VAL B 250 17.33 -0.47 -0.99
N TYR B 251 16.85 -0.86 -2.16
CA TYR B 251 16.25 -2.18 -2.33
C TYR B 251 16.92 -2.82 -3.52
N TYR B 252 17.49 -4.00 -3.32
CA TYR B 252 18.18 -4.63 -4.42
C TYR B 252 17.90 -6.11 -4.46
N ASP B 253 17.41 -6.58 -5.62
CA ASP B 253 17.00 -7.97 -5.80
C ASP B 253 16.95 -8.31 -7.31
N SER B 254 17.08 -9.59 -7.63
CA SER B 254 17.01 -10.03 -9.03
C SER B 254 15.58 -9.88 -9.55
N SER B 255 14.62 -10.30 -8.75
CA SER B 255 13.19 -10.11 -9.02
C SER B 255 12.77 -8.66 -8.79
N LEU B 256 12.49 -7.94 -9.88
CA LEU B 256 11.98 -6.57 -9.78
C LEU B 256 10.56 -6.50 -9.20
N TRP B 257 9.82 -7.61 -9.27
CA TRP B 257 8.59 -7.71 -8.52
C TRP B 257 8.96 -7.38 -7.09
N THR B 258 9.89 -8.15 -6.56
CA THR B 258 10.28 -8.06 -5.17
C THR B 258 10.75 -6.66 -4.80
N THR B 259 11.73 -6.14 -5.53
CA THR B 259 12.31 -4.86 -5.17
C THR B 259 11.22 -3.82 -4.99
N LEU B 260 10.22 -3.87 -5.87
CA LEU B 260 9.15 -2.89 -5.85
C LEU B 260 8.09 -3.23 -4.81
N LEU B 261 7.95 -4.51 -4.51
CA LEU B 261 6.97 -4.96 -3.54
C LEU B 261 7.32 -4.52 -2.13
N ILE B 262 8.62 -4.49 -1.85
CA ILE B 262 9.08 -4.24 -0.48
C ILE B 262 8.90 -2.82 0.04
N ARG B 263 9.10 -1.82 -0.80
CA ARG B 263 8.88 -0.48 -0.32
C ARG B 263 7.63 -0.59 0.55
N ASN B 264 7.52 0.26 1.56
CA ASN B 264 6.37 0.23 2.46
C ASN B 264 5.83 1.62 2.76
N PRO B 265 4.90 2.09 1.92
CA PRO B 265 4.33 3.44 2.04
C PRO B 265 3.25 3.55 3.13
N SER B 266 2.46 2.50 3.32
CA SER B 266 1.49 2.48 4.41
C SER B 266 2.21 2.82 5.70
N ARG B 267 3.49 2.48 5.77
CA ARG B 267 4.34 2.78 6.93
C ARG B 267 4.82 4.23 6.93
N LYS B 268 5.40 4.68 5.83
CA LYS B 268 5.85 6.06 5.76
C LYS B 268 4.71 7.01 6.05
N ILE B 269 3.51 6.64 5.60
CA ILE B 269 2.32 7.42 5.87
C ILE B 269 2.01 7.45 7.37
N LEU B 270 1.89 6.26 7.97
CA LEU B 270 1.64 6.14 9.40
C LEU B 270 2.62 7.00 10.19
N GLU B 271 3.90 6.85 9.90
CA GLU B 271 4.89 7.60 10.63
C GLU B 271 4.56 9.09 10.57
N PHE B 272 4.20 9.58 9.40
CA PHE B 272 3.92 11.00 9.25
C PHE B 272 2.69 11.39 10.04
N LEU B 273 1.80 10.42 10.24
CA LEU B 273 0.56 10.62 10.96
C LEU B 273 0.78 11.27 12.33
N TYR B 274 1.72 10.74 13.10
CA TYR B 274 1.89 11.20 14.46
C TYR B 274 2.96 12.26 14.54
N SER B 275 3.66 12.46 13.43
CA SER B 275 4.76 13.43 13.36
C SER B 275 4.30 14.87 13.59
N GLN C 15 -23.60 -5.09 3.91
CA GLN C 15 -22.19 -5.50 4.19
C GLN C 15 -21.95 -6.97 3.82
N PRO C 16 -20.81 -7.25 3.15
CA PRO C 16 -20.50 -8.55 2.56
C PRO C 16 -20.90 -9.76 3.41
N LEU C 17 -21.90 -10.51 2.93
CA LEU C 17 -22.36 -11.69 3.64
C LEU C 17 -21.22 -12.37 4.40
N ASN C 18 -21.31 -12.32 5.72
CA ASN C 18 -20.38 -13.06 6.58
C ASN C 18 -20.65 -14.56 6.55
N GLU C 19 -20.04 -15.25 5.59
CA GLU C 19 -20.32 -16.68 5.37
C GLU C 19 -19.46 -17.34 4.29
N GLU C 20 -19.64 -18.65 4.15
CA GLU C 20 -18.97 -19.43 3.12
C GLU C 20 -20.00 -19.84 2.07
N PHE C 21 -19.65 -19.63 0.81
CA PHE C 21 -20.58 -19.84 -0.31
C PHE C 21 -20.88 -21.31 -0.58
N ARG C 22 -22.15 -21.60 -0.85
CA ARG C 22 -22.52 -22.92 -1.35
C ARG C 22 -23.61 -22.84 -2.43
N PRO C 23 -23.51 -23.72 -3.45
CA PRO C 23 -24.33 -23.74 -4.65
C PRO C 23 -25.80 -23.42 -4.38
N GLU C 24 -26.39 -24.15 -3.45
CA GLU C 24 -27.82 -24.06 -3.16
C GLU C 24 -28.35 -22.63 -2.97
N MET C 25 -27.45 -21.69 -2.71
CA MET C 25 -27.77 -20.26 -2.61
C MET C 25 -28.47 -19.70 -3.85
N LEU C 26 -28.27 -20.35 -5.00
CA LEU C 26 -28.81 -19.86 -6.27
C LEU C 26 -30.03 -20.63 -6.73
N GLN C 27 -30.37 -21.70 -6.00
CA GLN C 27 -31.51 -22.55 -6.33
C GLN C 27 -32.81 -21.78 -6.34
N GLY C 28 -33.51 -21.81 -7.48
CA GLY C 28 -34.80 -21.18 -7.60
C GLY C 28 -34.67 -19.68 -7.71
N LYS C 29 -33.44 -19.20 -7.63
CA LYS C 29 -33.17 -17.76 -7.76
C LYS C 29 -33.34 -17.28 -9.21
N LYS C 30 -33.84 -16.05 -9.37
CA LYS C 30 -34.16 -15.52 -10.70
C LYS C 30 -33.06 -14.58 -11.23
N VAL C 31 -32.29 -15.05 -12.19
CA VAL C 31 -31.08 -14.32 -12.60
C VAL C 31 -31.05 -13.87 -14.05
N ILE C 32 -30.59 -12.65 -14.28
CA ILE C 32 -30.32 -12.19 -15.64
C ILE C 32 -28.83 -12.20 -15.98
N VAL C 33 -28.50 -12.67 -17.19
CA VAL C 33 -27.13 -12.63 -17.69
C VAL C 33 -27.06 -11.99 -19.08
N THR C 34 -26.31 -10.90 -19.21
CA THR C 34 -26.09 -10.28 -20.52
C THR C 34 -24.80 -10.77 -21.17
N GLY C 35 -24.66 -10.48 -22.46
CA GLY C 35 -23.50 -10.94 -23.19
C GLY C 35 -23.29 -12.40 -22.86
N ALA C 36 -24.36 -13.18 -22.98
CA ALA C 36 -24.32 -14.57 -22.54
C ALA C 36 -24.17 -15.59 -23.67
N SER C 37 -23.93 -15.11 -24.89
CA SER C 37 -23.79 -15.98 -26.05
C SER C 37 -22.44 -16.70 -26.09
N LYS C 38 -21.41 -16.09 -25.52
CA LYS C 38 -20.13 -16.78 -25.46
C LYS C 38 -19.30 -16.43 -24.23
N GLY C 39 -18.09 -16.97 -24.17
CA GLY C 39 -17.15 -16.63 -23.13
C GLY C 39 -17.71 -16.68 -21.72
N ILE C 40 -17.09 -15.89 -20.86
CA ILE C 40 -17.43 -15.87 -19.45
C ILE C 40 -18.92 -15.88 -19.15
N GLY C 41 -19.70 -15.15 -19.95
CA GLY C 41 -21.11 -14.96 -19.68
C GLY C 41 -21.83 -16.27 -19.86
N ARG C 42 -21.50 -16.95 -20.96
CA ARG C 42 -22.12 -18.22 -21.27
C ARG C 42 -21.86 -19.23 -20.17
N GLU C 43 -20.60 -19.28 -19.72
CA GLU C 43 -20.19 -20.10 -18.60
C GLU C 43 -21.07 -19.81 -17.37
N MET C 44 -21.26 -18.53 -17.07
CA MET C 44 -22.10 -18.15 -15.94
C MET C 44 -23.51 -18.69 -16.08
N ALA C 45 -24.04 -18.65 -17.31
CA ALA C 45 -25.37 -19.17 -17.59
C ALA C 45 -25.43 -20.65 -17.25
N TYR C 46 -24.43 -21.39 -17.70
CA TYR C 46 -24.38 -22.80 -17.40
C TYR C 46 -24.27 -23.05 -15.89
N HIS C 47 -23.27 -22.46 -15.25
CA HIS C 47 -23.15 -22.62 -13.79
C HIS C 47 -24.49 -22.37 -13.11
N LEU C 48 -25.21 -21.35 -13.55
CA LEU C 48 -26.50 -21.00 -12.97
C LEU C 48 -27.54 -22.07 -13.23
N ALA C 49 -27.47 -22.70 -14.40
CA ALA C 49 -28.39 -23.78 -14.71
C ALA C 49 -28.11 -24.95 -13.78
N LYS C 50 -26.87 -25.44 -13.82
CA LYS C 50 -26.42 -26.47 -12.88
C LYS C 50 -26.95 -26.21 -11.47
N MET C 51 -27.05 -24.94 -11.10
CA MET C 51 -27.52 -24.58 -9.75
C MET C 51 -29.04 -24.55 -9.62
N GLY C 52 -29.76 -24.93 -10.66
CA GLY C 52 -31.21 -24.94 -10.59
C GLY C 52 -31.71 -23.54 -10.35
N ALA C 53 -31.17 -22.58 -11.10
CA ALA C 53 -31.63 -21.21 -11.04
C ALA C 53 -32.59 -20.92 -12.20
N HIS C 54 -33.31 -19.81 -12.11
CA HIS C 54 -34.06 -19.31 -13.26
C HIS C 54 -33.14 -18.36 -14.00
N VAL C 55 -33.10 -18.48 -15.33
CA VAL C 55 -32.19 -17.66 -16.10
C VAL C 55 -32.81 -17.14 -17.39
N VAL C 56 -32.61 -15.86 -17.64
CA VAL C 56 -32.90 -15.27 -18.94
C VAL C 56 -31.60 -14.66 -19.43
N VAL C 57 -31.20 -15.06 -20.62
CA VAL C 57 -29.93 -14.59 -21.18
C VAL C 57 -30.19 -13.70 -22.37
N THR C 58 -29.29 -12.76 -22.61
CA THR C 58 -29.36 -11.91 -23.80
C THR C 58 -28.00 -11.69 -24.44
N ALA C 59 -28.06 -11.26 -25.70
CA ALA C 59 -26.90 -11.13 -26.57
C ALA C 59 -27.45 -10.73 -27.93
N ARG C 60 -26.57 -10.53 -28.92
CA ARG C 60 -27.04 -10.25 -30.28
C ARG C 60 -27.39 -11.54 -31.03
N SER C 61 -26.61 -12.59 -30.80
CA SER C 61 -26.69 -13.82 -31.61
C SER C 61 -27.92 -14.69 -31.32
N LYS C 62 -29.05 -14.32 -31.88
CA LYS C 62 -30.28 -15.08 -31.69
C LYS C 62 -30.09 -16.59 -31.78
N GLU C 63 -29.51 -17.06 -32.88
CA GLU C 63 -29.48 -18.49 -33.12
C GLU C 63 -28.59 -19.19 -32.12
N THR C 64 -27.52 -18.53 -31.71
CA THR C 64 -26.60 -19.13 -30.74
C THR C 64 -27.18 -19.12 -29.33
N LEU C 65 -27.97 -18.10 -29.02
CA LEU C 65 -28.70 -18.04 -27.76
C LEU C 65 -29.57 -19.28 -27.56
N GLN C 66 -30.32 -19.61 -28.60
CA GLN C 66 -31.17 -20.79 -28.60
C GLN C 66 -30.44 -21.95 -27.96
N LYS C 67 -29.23 -22.24 -28.44
CA LYS C 67 -28.52 -23.42 -27.99
C LYS C 67 -28.07 -23.29 -26.55
N VAL C 68 -27.62 -22.09 -26.20
CA VAL C 68 -27.24 -21.79 -24.83
C VAL C 68 -28.42 -22.04 -23.89
N VAL C 69 -29.58 -21.53 -24.27
CA VAL C 69 -30.79 -21.82 -23.52
C VAL C 69 -31.04 -23.33 -23.42
N SER C 70 -31.21 -23.99 -24.55
CA SER C 70 -31.53 -25.40 -24.57
C SER C 70 -30.53 -26.18 -23.76
N HIS C 71 -29.29 -25.70 -23.68
CA HIS C 71 -28.33 -26.47 -22.95
C HIS C 71 -28.51 -26.26 -21.46
N CYS C 72 -29.00 -25.08 -21.10
CA CYS C 72 -29.29 -24.75 -19.69
C CYS C 72 -30.37 -25.64 -19.13
N LEU C 73 -31.44 -25.84 -19.90
CA LEU C 73 -32.50 -26.78 -19.52
C LEU C 73 -31.89 -28.12 -19.12
N GLU C 74 -31.19 -28.75 -20.07
CA GLU C 74 -30.51 -30.03 -19.82
C GLU C 74 -29.62 -30.06 -18.57
N LEU C 75 -28.92 -28.98 -18.30
CA LEU C 75 -28.08 -28.91 -17.11
C LEU C 75 -28.93 -28.86 -15.84
N GLY C 76 -30.22 -28.61 -16.02
CA GLY C 76 -31.18 -28.64 -14.92
C GLY C 76 -31.68 -27.29 -14.45
N ALA C 77 -31.80 -26.35 -15.38
CA ALA C 77 -32.23 -24.99 -15.04
C ALA C 77 -33.71 -24.98 -14.69
N ALA C 78 -34.08 -24.21 -13.68
CA ALA C 78 -35.50 -24.03 -13.35
C ALA C 78 -36.26 -23.53 -14.58
N SER C 79 -35.71 -22.54 -15.26
CA SER C 79 -36.22 -22.14 -16.57
C SER C 79 -35.16 -21.33 -17.32
N ALA C 80 -35.31 -21.24 -18.63
CA ALA C 80 -34.32 -20.56 -19.44
C ALA C 80 -34.92 -19.98 -20.71
N HIS C 81 -34.81 -18.67 -20.86
CA HIS C 81 -35.29 -18.01 -22.07
C HIS C 81 -34.25 -17.00 -22.58
N TYR C 82 -34.35 -16.65 -23.87
CA TYR C 82 -33.44 -15.67 -24.46
C TYR C 82 -34.18 -14.52 -25.14
N ILE C 83 -33.48 -13.41 -25.30
CA ILE C 83 -34.02 -12.30 -26.05
C ILE C 83 -32.87 -11.67 -26.81
N ALA C 84 -33.05 -11.47 -28.10
CA ALA C 84 -31.95 -11.01 -28.93
C ALA C 84 -32.03 -9.53 -29.14
N GLY C 85 -30.87 -8.87 -29.14
CA GLY C 85 -30.78 -7.45 -29.44
C GLY C 85 -29.39 -6.91 -29.19
N THR C 86 -29.17 -5.65 -29.51
CA THR C 86 -27.88 -5.05 -29.26
C THR C 86 -28.00 -4.00 -28.17
N MET C 87 -27.08 -4.03 -27.21
CA MET C 87 -27.09 -3.06 -26.14
C MET C 87 -26.62 -1.69 -26.64
N GLU C 88 -26.61 -1.51 -27.95
CA GLU C 88 -26.33 -0.21 -28.54
C GLU C 88 -27.62 0.56 -28.49
N ASP C 89 -28.72 -0.18 -28.38
CA ASP C 89 -30.05 0.41 -28.38
C ASP C 89 -30.58 0.52 -26.96
N MET C 90 -30.47 1.71 -26.39
CA MET C 90 -30.94 1.92 -25.03
C MET C 90 -32.39 1.51 -24.82
N THR C 91 -33.21 1.58 -25.87
CA THR C 91 -34.61 1.22 -25.72
C THR C 91 -34.75 -0.27 -25.55
N PHE C 92 -33.97 -1.01 -26.32
CA PHE C 92 -33.98 -2.46 -26.21
C PHE C 92 -33.64 -2.88 -24.79
N ALA C 93 -32.61 -2.27 -24.22
CA ALA C 93 -32.20 -2.62 -22.88
C ALA C 93 -33.37 -2.48 -21.92
N GLU C 94 -34.08 -1.36 -22.03
CA GLU C 94 -35.20 -1.08 -21.15
C GLU C 94 -36.20 -2.22 -21.23
N GLN C 95 -36.72 -2.46 -22.43
CA GLN C 95 -37.75 -3.46 -22.59
C GLN C 95 -37.25 -4.86 -22.36
N PHE C 96 -35.94 -5.07 -22.49
CA PHE C 96 -35.41 -6.40 -22.27
C PHE C 96 -35.66 -6.78 -20.82
N VAL C 97 -35.44 -5.82 -19.94
CA VAL C 97 -35.59 -6.04 -18.51
C VAL C 97 -37.05 -6.31 -18.17
N ALA C 98 -37.94 -5.54 -18.77
CA ALA C 98 -39.37 -5.74 -18.54
C ALA C 98 -39.79 -7.17 -18.85
N GLN C 99 -39.47 -7.63 -20.06
CA GLN C 99 -39.94 -8.94 -20.49
C GLN C 99 -39.35 -10.02 -19.60
N ALA C 100 -38.10 -9.81 -19.21
CA ALA C 100 -37.35 -10.85 -18.51
C ALA C 100 -37.84 -11.04 -17.08
N GLY C 101 -38.35 -9.96 -16.48
CA GLY C 101 -38.95 -10.02 -15.16
C GLY C 101 -40.30 -10.70 -15.27
N LYS C 102 -40.96 -10.47 -16.40
CA LYS C 102 -42.24 -11.11 -16.63
C LYS C 102 -42.05 -12.61 -16.82
N LEU C 103 -41.06 -12.97 -17.61
CA LEU C 103 -40.78 -14.38 -17.89
C LEU C 103 -40.41 -15.18 -16.65
N MET C 104 -39.80 -14.52 -15.67
CA MET C 104 -39.32 -15.19 -14.45
C MET C 104 -40.23 -14.89 -13.25
N GLY C 105 -41.05 -13.86 -13.38
CA GLY C 105 -41.88 -13.41 -12.26
C GLY C 105 -41.05 -12.73 -11.19
N GLY C 106 -40.16 -11.83 -11.60
CA GLY C 106 -39.23 -11.17 -10.68
C GLY C 106 -37.74 -11.36 -10.98
N LEU C 107 -36.91 -10.78 -10.14
CA LEU C 107 -35.47 -10.80 -10.35
C LEU C 107 -34.69 -10.69 -9.04
N ASP C 108 -33.74 -11.58 -8.84
CA ASP C 108 -32.92 -11.54 -7.64
C ASP C 108 -31.53 -11.01 -7.95
N MET C 109 -31.12 -11.16 -9.21
CA MET C 109 -29.76 -10.86 -9.58
C MET C 109 -29.61 -10.46 -11.05
N LEU C 110 -28.98 -9.32 -11.25
CA LEU C 110 -28.71 -8.80 -12.57
C LEU C 110 -27.20 -8.91 -12.85
N ILE C 111 -26.82 -9.80 -13.77
CA ILE C 111 -25.40 -9.92 -14.15
C ILE C 111 -25.06 -9.14 -15.43
N LEU C 112 -24.43 -7.98 -15.25
CA LEU C 112 -24.03 -7.10 -16.35
C LEU C 112 -22.64 -7.47 -16.84
N ASN C 113 -22.57 -8.07 -18.02
CA ASN C 113 -21.34 -8.70 -18.46
C ASN C 113 -20.88 -8.25 -19.85
N HIS C 114 -21.82 -7.80 -20.68
CA HIS C 114 -21.56 -7.59 -22.11
C HIS C 114 -20.62 -6.42 -22.43
N ILE C 115 -19.89 -6.53 -23.54
CA ILE C 115 -19.11 -5.41 -24.02
C ILE C 115 -19.09 -5.40 -25.53
N THR C 116 -18.84 -4.22 -26.10
CA THR C 116 -18.73 -4.10 -27.55
C THR C 116 -17.38 -4.62 -28.05
N ASN C 117 -17.34 -5.06 -29.30
CA ASN C 117 -16.13 -5.67 -29.85
C ASN C 117 -14.96 -4.72 -29.81
N THR C 118 -13.81 -5.23 -29.36
CA THR C 118 -12.60 -4.43 -29.29
C THR C 118 -11.39 -5.24 -29.72
N SER C 119 -10.27 -4.54 -29.85
CA SER C 119 -9.02 -5.18 -30.18
C SER C 119 -7.94 -4.32 -29.59
N LEU C 120 -6.74 -4.86 -29.48
CA LEU C 120 -5.61 -4.07 -29.04
C LEU C 120 -5.30 -3.06 -30.15
N ASN C 121 -4.99 -1.84 -29.76
CA ASN C 121 -4.78 -0.76 -30.72
C ASN C 121 -4.38 0.52 -30.03
N LEU C 122 -3.34 1.16 -30.55
CA LEU C 122 -3.02 2.49 -30.09
C LEU C 122 -4.21 3.35 -30.46
N PHE C 123 -4.52 4.33 -29.63
CA PHE C 123 -5.63 5.19 -29.94
C PHE C 123 -5.18 6.19 -30.98
N HIS C 124 -5.71 6.07 -32.19
CA HIS C 124 -5.51 7.13 -33.16
C HIS C 124 -6.84 7.73 -33.57
N ASP C 125 -7.15 8.88 -32.98
CA ASP C 125 -8.37 9.64 -33.27
C ASP C 125 -9.64 8.84 -33.57
N ASP C 126 -9.81 7.70 -32.91
CA ASP C 126 -10.97 6.87 -33.16
C ASP C 126 -12.12 7.22 -32.23
N ILE C 127 -12.48 8.50 -32.18
CA ILE C 127 -13.59 8.98 -31.36
C ILE C 127 -14.88 8.15 -31.49
N HIS C 128 -15.11 7.57 -32.66
CA HIS C 128 -16.29 6.74 -32.80
C HIS C 128 -16.25 5.60 -31.78
N HIS C 129 -15.07 5.00 -31.59
CA HIS C 129 -14.99 3.78 -30.79
C HIS C 129 -15.06 4.08 -29.31
N VAL C 130 -14.52 5.24 -28.92
CA VAL C 130 -14.59 5.65 -27.54
C VAL C 130 -16.04 5.89 -27.17
N ARG C 131 -16.82 6.38 -28.11
CA ARG C 131 -18.21 6.69 -27.81
C ARG C 131 -19.04 5.41 -27.78
N LYS C 132 -18.87 4.58 -28.79
CA LYS C 132 -19.54 3.30 -28.80
C LYS C 132 -19.23 2.52 -27.51
N SER C 133 -17.97 2.54 -27.08
CA SER C 133 -17.54 1.86 -25.85
C SER C 133 -18.31 2.36 -24.64
N MET C 134 -18.22 3.65 -24.39
CA MET C 134 -18.96 4.21 -23.29
C MET C 134 -20.45 3.83 -23.32
N GLU C 135 -21.02 3.69 -24.52
CA GLU C 135 -22.44 3.39 -24.71
C GLU C 135 -22.76 1.92 -24.41
N VAL C 136 -22.00 1.01 -24.99
CA VAL C 136 -22.27 -0.40 -24.81
C VAL C 136 -21.75 -0.90 -23.46
N ASN C 137 -20.55 -0.47 -23.10
CA ASN C 137 -19.89 -0.95 -21.90
C ASN C 137 -20.32 -0.28 -20.60
N PHE C 138 -20.95 0.88 -20.68
CA PHE C 138 -21.25 1.63 -19.47
C PHE C 138 -22.65 2.21 -19.41
N LEU C 139 -23.04 2.89 -20.48
CA LEU C 139 -24.33 3.54 -20.47
C LEU C 139 -25.43 2.51 -20.24
N SER C 140 -25.39 1.44 -21.02
CA SER C 140 -26.47 0.47 -21.00
C SER C 140 -26.52 -0.27 -19.68
N TYR C 141 -25.38 -0.32 -18.99
CA TYR C 141 -25.35 -0.94 -17.68
C TYR C 141 -26.23 -0.08 -16.77
N VAL C 142 -26.20 1.23 -16.98
CA VAL C 142 -26.98 2.11 -16.15
C VAL C 142 -28.47 1.93 -16.44
N VAL C 143 -28.81 1.87 -17.72
CA VAL C 143 -30.18 1.66 -18.13
C VAL C 143 -30.72 0.35 -17.57
N LEU C 144 -29.99 -0.73 -17.77
CA LEU C 144 -30.45 -2.03 -17.31
C LEU C 144 -30.70 -1.97 -15.81
N THR C 145 -29.72 -1.46 -15.09
CA THR C 145 -29.81 -1.25 -13.66
C THR C 145 -31.08 -0.51 -13.26
N VAL C 146 -31.28 0.66 -13.85
CA VAL C 146 -32.45 1.45 -13.54
C VAL C 146 -33.74 0.68 -13.76
N ALA C 147 -33.78 -0.11 -14.82
CA ALA C 147 -35.02 -0.80 -15.19
C ALA C 147 -35.22 -1.96 -14.23
N ALA C 148 -34.13 -2.40 -13.62
CA ALA C 148 -34.17 -3.60 -12.79
C ALA C 148 -34.33 -3.25 -11.31
N LEU C 149 -34.27 -1.96 -10.99
CA LEU C 149 -34.28 -1.54 -9.60
C LEU C 149 -35.52 -1.97 -8.80
N PRO C 150 -36.74 -1.69 -9.32
CA PRO C 150 -37.96 -2.06 -8.63
C PRO C 150 -37.95 -3.52 -8.13
N MET C 151 -37.73 -4.45 -9.04
CA MET C 151 -37.72 -5.86 -8.69
C MET C 151 -36.60 -6.26 -7.74
N LEU C 152 -35.45 -5.60 -7.86
CA LEU C 152 -34.31 -5.95 -7.03
C LEU C 152 -34.54 -5.48 -5.60
N LYS C 153 -35.28 -4.39 -5.45
CA LYS C 153 -35.75 -3.95 -4.14
C LYS C 153 -36.72 -4.98 -3.58
N GLN C 154 -37.59 -5.50 -4.46
CA GLN C 154 -38.53 -6.55 -4.09
C GLN C 154 -37.84 -7.66 -3.31
N SER C 155 -36.71 -8.12 -3.84
CA SER C 155 -36.08 -9.34 -3.37
C SER C 155 -34.77 -9.07 -2.62
N ASN C 156 -34.53 -7.82 -2.26
CA ASN C 156 -33.22 -7.46 -1.73
C ASN C 156 -32.18 -8.06 -2.66
N GLY C 157 -32.35 -7.81 -3.95
CA GLY C 157 -31.52 -8.48 -4.96
C GLY C 157 -30.09 -8.02 -5.10
N SER C 158 -29.44 -8.52 -6.14
CA SER C 158 -28.03 -8.22 -6.35
C SER C 158 -27.69 -7.76 -7.76
N ILE C 159 -26.82 -6.76 -7.83
CA ILE C 159 -26.30 -6.26 -9.09
C ILE C 159 -24.84 -6.68 -9.19
N VAL C 160 -24.54 -7.51 -10.19
CA VAL C 160 -23.16 -7.91 -10.46
C VAL C 160 -22.62 -7.23 -11.74
N VAL C 161 -21.65 -6.33 -11.56
CA VAL C 161 -21.00 -5.62 -12.66
C VAL C 161 -19.62 -6.16 -12.97
N VAL C 162 -19.46 -6.81 -14.13
CA VAL C 162 -18.16 -7.34 -14.53
C VAL C 162 -17.21 -6.30 -15.11
N SER C 163 -16.00 -6.22 -14.55
CA SER C 163 -14.99 -5.24 -14.95
C SER C 163 -13.60 -5.85 -15.24
N SER C 164 -12.57 -5.01 -15.24
CA SER C 164 -11.22 -5.42 -15.60
C SER C 164 -10.16 -4.90 -14.67
N LEU C 165 -9.00 -5.53 -14.71
CA LEU C 165 -7.80 -4.92 -14.17
C LEU C 165 -7.69 -3.59 -14.88
N ALA C 166 -7.96 -3.63 -16.18
CA ALA C 166 -7.88 -2.42 -17.00
C ALA C 166 -8.85 -1.40 -16.46
N GLY C 167 -9.70 -1.84 -15.54
CA GLY C 167 -10.69 -0.96 -14.92
C GLY C 167 -10.21 -0.34 -13.64
N LYS C 168 -9.03 -0.77 -13.18
CA LYS C 168 -8.48 -0.28 -11.93
C LYS C 168 -7.06 0.25 -12.13
N VAL C 169 -6.43 -0.15 -13.23
CA VAL C 169 -5.11 0.36 -13.54
C VAL C 169 -4.95 0.56 -15.04
N ALA C 170 -4.00 1.43 -15.40
CA ALA C 170 -3.82 1.86 -16.78
C ALA C 170 -2.96 0.92 -17.61
N TYR C 171 -3.42 0.61 -18.82
CA TYR C 171 -2.70 -0.20 -19.77
C TYR C 171 -2.71 0.53 -21.08
N PRO C 172 -1.67 0.35 -21.90
CA PRO C 172 -1.83 0.95 -23.21
C PRO C 172 -2.69 0.04 -24.08
N MET C 173 -3.16 0.53 -25.22
CA MET C 173 -3.73 -0.33 -26.25
C MET C 173 -5.22 -0.58 -26.09
N VAL C 174 -5.84 0.12 -25.16
CA VAL C 174 -7.09 -0.33 -24.60
C VAL C 174 -7.70 0.84 -23.82
N ALA C 175 -7.58 2.03 -24.41
CA ALA C 175 -7.93 3.27 -23.73
C ALA C 175 -9.42 3.50 -23.61
N ALA C 176 -10.15 3.34 -24.71
CA ALA C 176 -11.60 3.47 -24.66
C ALA C 176 -12.19 2.44 -23.70
N TYR C 177 -11.77 1.19 -23.85
CA TYR C 177 -12.18 0.14 -22.96
C TYR C 177 -12.01 0.55 -21.49
N SER C 178 -10.83 1.03 -21.15
CA SER C 178 -10.57 1.37 -19.77
C SER C 178 -11.43 2.54 -19.35
N ALA C 179 -11.64 3.48 -20.24
CA ALA C 179 -12.36 4.66 -19.84
C ALA C 179 -13.71 4.19 -19.34
N SER C 180 -14.21 3.16 -19.98
CA SER C 180 -15.55 2.72 -19.72
C SER C 180 -15.60 1.88 -18.46
N LYS C 181 -14.54 1.13 -18.20
CA LYS C 181 -14.53 0.30 -17.01
C LYS C 181 -14.26 1.15 -15.77
N PHE C 182 -13.40 2.15 -15.89
CA PHE C 182 -13.19 3.02 -14.75
C PHE C 182 -14.54 3.63 -14.43
N ALA C 183 -15.30 3.90 -15.48
CA ALA C 183 -16.58 4.56 -15.35
C ALA C 183 -17.49 3.71 -14.47
N LEU C 184 -17.63 2.44 -14.83
CA LEU C 184 -18.45 1.53 -14.05
C LEU C 184 -18.14 1.75 -12.59
N ASP C 185 -16.86 1.64 -12.25
CA ASP C 185 -16.43 1.75 -10.87
C ASP C 185 -16.97 3.03 -10.26
N GLY C 186 -16.66 4.16 -10.86
CA GLY C 186 -17.07 5.40 -10.28
C GLY C 186 -18.57 5.34 -10.09
N PHE C 187 -19.29 4.95 -11.13
CA PHE C 187 -20.73 5.07 -11.06
C PHE C 187 -21.28 4.15 -9.97
N PHE C 188 -21.02 2.85 -10.09
CA PHE C 188 -21.66 1.92 -9.17
C PHE C 188 -21.23 2.06 -7.72
N SER C 189 -19.94 2.25 -7.46
CA SER C 189 -19.48 2.50 -6.11
C SER C 189 -20.07 3.77 -5.54
N SER C 190 -20.37 4.73 -6.39
CA SER C 190 -20.98 5.92 -5.88
C SER C 190 -22.42 5.60 -5.51
N ILE C 191 -23.01 4.66 -6.24
CA ILE C 191 -24.38 4.23 -5.97
C ILE C 191 -24.43 3.40 -4.68
N ARG C 192 -23.44 2.53 -4.50
CA ARG C 192 -23.36 1.73 -3.30
C ARG C 192 -23.51 2.59 -2.04
N LYS C 193 -22.64 3.58 -1.89
CA LYS C 193 -22.75 4.54 -0.81
C LYS C 193 -24.19 5.05 -0.70
N GLU C 194 -24.79 5.37 -1.84
CA GLU C 194 -26.14 5.95 -1.83
C GLU C 194 -27.14 4.92 -1.36
N TYR C 195 -26.92 3.68 -1.71
CA TYR C 195 -27.87 2.66 -1.32
C TYR C 195 -27.71 2.47 0.17
N SER C 196 -26.47 2.60 0.63
CA SER C 196 -26.16 2.33 2.02
C SER C 196 -26.83 3.31 2.99
N VAL C 197 -27.05 4.55 2.55
CA VAL C 197 -27.62 5.55 3.43
C VAL C 197 -29.12 5.73 3.21
N SER C 198 -29.62 5.21 2.10
CA SER C 198 -31.05 5.18 1.88
C SER C 198 -31.53 3.83 2.37
N ARG C 199 -30.70 3.14 3.14
CA ARG C 199 -31.00 1.76 3.47
C ARG C 199 -31.79 1.09 2.34
N VAL C 200 -31.24 1.13 1.13
CA VAL C 200 -31.73 0.32 0.03
C VAL C 200 -30.95 -0.97 0.09
N ASN C 201 -31.64 -2.10 0.29
CA ASN C 201 -30.92 -3.36 0.50
C ASN C 201 -30.64 -4.14 -0.80
N VAL C 202 -29.98 -3.48 -1.74
CA VAL C 202 -29.57 -4.12 -2.97
C VAL C 202 -28.06 -4.13 -3.02
N SER C 203 -27.47 -5.30 -3.13
CA SER C 203 -26.03 -5.39 -3.12
C SER C 203 -25.46 -5.03 -4.47
N ILE C 204 -24.22 -4.54 -4.47
CA ILE C 204 -23.52 -4.19 -5.71
C ILE C 204 -22.12 -4.77 -5.72
N THR C 205 -21.90 -5.70 -6.64
CA THR C 205 -20.62 -6.39 -6.75
C THR C 205 -19.85 -5.97 -8.00
N LEU C 206 -18.64 -5.45 -7.82
CA LEU C 206 -17.81 -5.04 -8.95
C LEU C 206 -16.69 -6.05 -9.08
N CYS C 207 -16.62 -6.74 -10.19
CA CYS C 207 -15.63 -7.80 -10.37
C CYS C 207 -14.44 -7.33 -11.19
N VAL C 208 -13.26 -7.35 -10.59
CA VAL C 208 -12.04 -7.02 -11.30
C VAL C 208 -11.44 -8.31 -11.82
N LEU C 209 -11.40 -8.47 -13.13
CA LEU C 209 -10.90 -9.71 -13.71
C LEU C 209 -9.53 -9.53 -14.34
N GLY C 210 -8.68 -10.54 -14.13
CA GLY C 210 -7.40 -10.61 -14.81
C GLY C 210 -7.67 -11.06 -16.21
N LEU C 211 -6.66 -11.64 -16.86
CA LEU C 211 -6.85 -12.19 -18.19
C LEU C 211 -7.60 -13.50 -18.03
N ILE C 212 -8.57 -13.74 -18.91
CA ILE C 212 -9.36 -14.97 -18.90
C ILE C 212 -9.22 -15.61 -20.26
N ASP C 213 -9.28 -16.94 -20.32
CA ASP C 213 -8.99 -17.63 -21.57
C ASP C 213 -10.20 -17.81 -22.48
N THR C 214 -10.96 -16.74 -22.70
CA THR C 214 -12.06 -16.80 -23.65
C THR C 214 -11.57 -16.68 -25.09
N GLU C 215 -12.32 -17.27 -26.02
CA GLU C 215 -11.95 -17.21 -27.43
C GLU C 215 -11.55 -15.80 -27.78
N THR C 216 -12.49 -14.88 -27.63
CA THR C 216 -12.28 -13.51 -28.06
C THR C 216 -10.94 -12.95 -27.58
N ALA C 217 -10.59 -13.24 -26.33
CA ALA C 217 -9.43 -12.62 -25.69
C ALA C 217 -8.14 -13.24 -26.18
N MET C 218 -8.14 -14.55 -26.34
CA MET C 218 -6.96 -15.26 -26.79
C MET C 218 -6.63 -14.89 -28.23
N LYS C 219 -7.65 -14.80 -29.07
CA LYS C 219 -7.40 -14.40 -30.45
C LYS C 219 -6.74 -13.02 -30.49
N ALA C 220 -7.06 -12.19 -29.52
CA ALA C 220 -6.69 -10.77 -29.59
C ALA C 220 -5.39 -10.45 -28.87
N VAL C 221 -4.87 -11.39 -28.10
CA VAL C 221 -3.54 -11.23 -27.52
C VAL C 221 -2.56 -12.20 -28.16
N SER C 222 -2.23 -11.92 -29.43
CA SER C 222 -1.21 -12.67 -30.16
C SER C 222 0.10 -11.90 -30.11
N GLY C 223 0.05 -10.71 -29.52
CA GLY C 223 1.26 -10.00 -29.07
C GLY C 223 1.46 -10.36 -27.62
N ILE C 224 1.70 -9.34 -26.78
CA ILE C 224 1.75 -9.46 -25.31
C ILE C 224 2.10 -10.85 -24.68
N VAL C 225 3.26 -11.39 -25.04
CA VAL C 225 3.81 -12.62 -24.42
C VAL C 225 2.94 -13.88 -24.32
N GLN C 228 -0.48 -15.70 -18.88
CA GLN C 228 -1.18 -16.75 -18.12
C GLN C 228 -2.65 -16.41 -17.91
N ALA C 229 -3.49 -16.84 -18.86
CA ALA C 229 -4.93 -16.59 -18.75
C ALA C 229 -5.60 -17.58 -17.80
N ALA C 230 -6.38 -17.05 -16.86
CA ALA C 230 -7.15 -17.90 -15.97
C ALA C 230 -8.31 -18.55 -16.73
N PRO C 231 -8.74 -19.74 -16.29
CA PRO C 231 -9.82 -20.46 -16.98
C PRO C 231 -11.19 -19.76 -16.89
N LYS C 232 -11.91 -19.74 -18.00
CA LYS C 232 -13.22 -19.11 -18.04
C LYS C 232 -14.23 -19.72 -17.07
N GLU C 233 -14.37 -21.04 -17.09
CA GLU C 233 -15.41 -21.68 -16.26
C GLU C 233 -15.34 -21.29 -14.78
N GLU C 234 -14.14 -21.32 -14.20
CA GLU C 234 -13.97 -20.96 -12.81
C GLU C 234 -14.17 -19.45 -12.59
N CYS C 235 -13.70 -18.66 -13.55
CA CYS C 235 -13.89 -17.20 -13.51
C CYS C 235 -15.37 -16.89 -13.40
N ALA C 236 -16.17 -17.57 -14.22
CA ALA C 236 -17.60 -17.44 -14.18
C ALA C 236 -18.15 -17.72 -12.78
N LEU C 237 -17.61 -18.76 -12.15
CA LEU C 237 -18.09 -19.16 -10.85
C LEU C 237 -17.76 -18.09 -9.82
N GLU C 238 -16.48 -17.76 -9.74
CA GLU C 238 -16.04 -16.78 -8.76
C GLU C 238 -16.89 -15.52 -8.83
N ILE C 239 -17.31 -15.15 -10.03
CA ILE C 239 -18.18 -13.98 -10.23
C ILE C 239 -19.51 -14.19 -9.49
N ILE C 240 -20.18 -15.30 -9.77
CA ILE C 240 -21.39 -15.67 -9.07
C ILE C 240 -21.22 -15.75 -7.56
N LYS C 241 -20.14 -16.39 -7.11
CA LYS C 241 -19.86 -16.46 -5.68
C LYS C 241 -19.91 -15.08 -5.06
N GLY C 242 -19.12 -14.16 -5.61
CA GLY C 242 -19.03 -12.81 -5.06
C GLY C 242 -20.39 -12.14 -5.05
N GLY C 243 -21.23 -12.53 -6.00
CA GLY C 243 -22.56 -11.96 -6.11
C GLY C 243 -23.44 -12.46 -4.99
N ALA C 244 -23.48 -13.78 -4.80
CA ALA C 244 -24.28 -14.37 -3.75
C ALA C 244 -23.86 -13.80 -2.39
N LEU C 245 -22.56 -13.84 -2.11
CA LEU C 245 -22.05 -13.35 -0.84
C LEU C 245 -22.22 -11.84 -0.66
N ARG C 246 -22.79 -11.20 -1.67
CA ARG C 246 -22.99 -9.75 -1.64
C ARG C 246 -21.69 -8.98 -1.42
N GLN C 247 -20.59 -9.53 -1.87
CA GLN C 247 -19.32 -8.82 -1.75
C GLN C 247 -19.28 -7.55 -2.59
N GLU C 248 -18.48 -6.59 -2.16
CA GLU C 248 -18.35 -5.34 -2.89
C GLU C 248 -17.51 -5.54 -4.15
N GLU C 249 -16.42 -6.26 -4.01
CA GLU C 249 -15.55 -6.55 -5.15
C GLU C 249 -15.14 -8.01 -5.14
N VAL C 250 -14.89 -8.55 -6.32
CA VAL C 250 -14.36 -9.89 -6.45
C VAL C 250 -13.20 -9.72 -7.37
N TYR C 251 -12.05 -10.26 -7.02
CA TYR C 251 -10.92 -10.22 -7.91
C TYR C 251 -10.72 -11.63 -8.40
N TYR C 252 -9.95 -11.79 -9.48
CA TYR C 252 -9.67 -13.10 -10.04
C TYR C 252 -8.55 -13.05 -11.07
N ASP C 253 -7.38 -13.55 -10.69
CA ASP C 253 -6.24 -13.58 -11.60
C ASP C 253 -5.41 -14.86 -11.43
N SER C 254 -5.09 -15.50 -12.55
CA SER C 254 -4.33 -16.75 -12.51
C SER C 254 -3.05 -16.60 -11.70
N SER C 255 -2.53 -15.37 -11.64
CA SER C 255 -1.31 -15.09 -10.87
C SER C 255 -1.62 -14.56 -9.48
N LEU C 256 -1.42 -15.39 -8.48
CA LEU C 256 -1.72 -15.02 -7.10
C LEU C 256 -0.91 -13.81 -6.63
N TRP C 257 0.16 -13.48 -7.36
CA TRP C 257 0.93 -12.26 -7.09
C TRP C 257 0.03 -11.03 -7.21
N THR C 258 -0.68 -10.94 -8.34
CA THR C 258 -1.60 -9.83 -8.55
C THR C 258 -2.72 -9.81 -7.51
N THR C 259 -3.86 -10.37 -7.87
CA THR C 259 -5.02 -10.38 -6.97
C THR C 259 -4.76 -9.55 -5.73
N LEU C 260 -4.36 -10.22 -4.66
CA LEU C 260 -4.09 -9.58 -3.37
C LEU C 260 -3.67 -8.11 -3.51
N LEU C 261 -2.90 -7.83 -4.55
CA LEU C 261 -2.46 -6.46 -4.86
C LEU C 261 -3.64 -5.52 -5.15
N ILE C 262 -4.54 -5.97 -6.01
CA ILE C 262 -5.67 -5.16 -6.48
C ILE C 262 -6.60 -4.64 -5.37
N ARG C 263 -6.06 -4.32 -4.20
CA ARG C 263 -6.90 -3.74 -3.16
C ARG C 263 -6.41 -2.34 -2.78
N ASN C 264 -7.35 -1.40 -2.71
CA ASN C 264 -7.00 -0.04 -2.30
C ASN C 264 -7.41 0.24 -0.86
N PRO C 265 -6.53 -0.07 0.08
CA PRO C 265 -6.71 0.23 1.49
C PRO C 265 -6.91 1.71 1.73
N SER C 266 -6.18 2.55 0.97
CA SER C 266 -6.21 4.01 1.17
C SER C 266 -7.54 4.62 0.74
N ARG C 267 -8.12 4.08 -0.33
CA ARG C 267 -9.42 4.51 -0.81
C ARG C 267 -10.55 4.18 0.20
N LYS C 268 -10.59 2.93 0.63
CA LYS C 268 -11.60 2.47 1.58
C LYS C 268 -11.61 3.33 2.84
N ILE C 269 -10.44 3.89 3.18
CA ILE C 269 -10.34 4.83 4.30
C ILE C 269 -11.00 6.14 3.91
N LEU C 270 -10.36 6.89 3.01
CA LEU C 270 -10.88 8.18 2.57
C LEU C 270 -12.39 8.15 2.37
N GLU C 271 -12.85 7.20 1.54
CA GLU C 271 -14.27 7.04 1.28
C GLU C 271 -15.02 7.07 2.60
N PHE C 272 -14.75 6.06 3.42
CA PHE C 272 -15.45 5.86 4.68
C PHE C 272 -14.90 6.78 5.76
N LEU C 273 -14.30 7.88 5.30
CA LEU C 273 -13.77 8.90 6.19
C LEU C 273 -14.77 10.04 6.35
N TYR C 274 -15.39 10.46 5.25
CA TYR C 274 -16.42 11.47 5.31
C TYR C 274 -17.77 10.82 5.55
N SER C 275 -17.78 9.49 5.65
CA SER C 275 -19.00 8.75 5.93
C SER C 275 -19.53 9.05 7.32
N GLN D 15 9.25 10.75 -18.81
CA GLN D 15 9.52 11.13 -17.40
C GLN D 15 9.28 12.63 -17.17
N PRO D 16 8.81 12.99 -15.96
CA PRO D 16 8.58 14.40 -15.63
C PRO D 16 9.88 15.20 -15.53
N LEU D 17 9.85 16.43 -16.05
CA LEU D 17 10.99 17.35 -15.97
C LEU D 17 11.36 17.69 -14.54
N ASN D 18 12.65 17.66 -14.24
CA ASN D 18 13.12 17.85 -12.87
C ASN D 18 13.73 19.22 -12.61
N GLU D 19 12.91 20.13 -12.09
CA GLU D 19 13.39 21.44 -11.64
C GLU D 19 12.27 22.23 -10.97
N GLU D 20 12.64 23.20 -10.15
CA GLU D 20 11.66 24.01 -9.44
C GLU D 20 10.93 24.93 -10.42
N PHE D 21 9.63 25.07 -10.20
CA PHE D 21 8.79 25.83 -11.11
C PHE D 21 9.18 27.32 -11.13
N ARG D 22 9.02 27.95 -12.29
CA ARG D 22 9.16 29.40 -12.41
C ARG D 22 8.27 29.91 -13.53
N PRO D 23 7.56 31.02 -13.29
CA PRO D 23 6.64 31.54 -14.28
C PRO D 23 7.25 31.55 -15.68
N GLU D 24 8.48 32.02 -15.77
CA GLU D 24 9.12 32.11 -17.07
C GLU D 24 8.56 31.02 -17.97
N MET D 25 8.45 29.82 -17.40
CA MET D 25 8.06 28.63 -18.14
C MET D 25 6.87 28.81 -19.07
N LEU D 26 6.01 29.78 -18.78
CA LEU D 26 4.79 29.98 -19.58
C LEU D 26 4.83 31.21 -20.47
N GLN D 27 5.85 32.05 -20.32
CA GLN D 27 5.93 33.26 -21.13
C GLN D 27 5.79 32.91 -22.60
N GLY D 28 4.81 33.52 -23.27
CA GLY D 28 4.64 33.34 -24.70
C GLY D 28 4.12 31.98 -25.14
N LYS D 29 3.85 31.10 -24.19
CA LYS D 29 3.28 29.80 -24.53
C LYS D 29 1.82 29.97 -24.96
N LYS D 30 1.42 29.23 -25.97
CA LYS D 30 0.05 29.32 -26.50
C LYS D 30 -0.85 28.28 -25.81
N VAL D 31 -1.85 28.77 -25.09
CA VAL D 31 -2.61 27.93 -24.18
C VAL D 31 -4.13 28.06 -24.35
N ILE D 32 -4.81 26.91 -24.24
CA ILE D 32 -6.26 26.89 -24.20
C ILE D 32 -6.76 26.50 -22.81
N VAL D 33 -7.72 27.26 -22.31
CA VAL D 33 -8.27 27.01 -21.00
C VAL D 33 -9.75 26.91 -21.21
N THR D 34 -10.36 25.79 -20.82
CA THR D 34 -11.79 25.68 -21.02
C THR D 34 -12.54 25.95 -19.73
N GLY D 35 -13.86 26.05 -19.84
CA GLY D 35 -14.66 26.41 -18.68
C GLY D 35 -13.97 27.56 -17.98
N ALA D 36 -13.74 28.64 -18.73
CA ALA D 36 -12.99 29.77 -18.22
C ALA D 36 -13.85 30.95 -17.76
N SER D 37 -15.14 30.92 -18.08
CA SER D 37 -16.00 32.03 -17.69
C SER D 37 -15.96 32.27 -16.17
N LYS D 38 -16.40 31.28 -15.39
CA LYS D 38 -16.36 31.42 -13.94
C LYS D 38 -15.40 30.45 -13.26
N GLY D 39 -15.24 30.61 -11.95
CA GLY D 39 -14.49 29.65 -11.13
C GLY D 39 -13.08 29.34 -11.59
N ILE D 40 -12.52 28.27 -11.01
CA ILE D 40 -11.12 27.87 -11.21
C ILE D 40 -10.64 28.07 -12.65
N GLY D 41 -11.49 27.76 -13.61
CA GLY D 41 -11.15 28.00 -15.01
C GLY D 41 -10.69 29.43 -15.18
N ARG D 42 -11.39 30.34 -14.52
CA ARG D 42 -11.07 31.76 -14.56
C ARG D 42 -9.71 32.04 -13.92
N GLU D 43 -9.60 31.74 -12.64
CA GLU D 43 -8.35 32.00 -11.93
C GLU D 43 -7.18 31.56 -12.79
N MET D 44 -7.33 30.41 -13.45
CA MET D 44 -6.27 29.86 -14.25
C MET D 44 -5.86 30.81 -15.36
N ALA D 45 -6.85 31.37 -16.04
CA ALA D 45 -6.59 32.31 -17.12
C ALA D 45 -5.79 33.48 -16.57
N TYR D 46 -6.29 34.05 -15.48
CA TYR D 46 -5.63 35.17 -14.83
C TYR D 46 -4.16 34.88 -14.52
N HIS D 47 -3.87 33.72 -13.93
CA HIS D 47 -2.48 33.39 -13.62
C HIS D 47 -1.68 33.43 -14.89
N LEU D 48 -2.21 32.75 -15.91
CA LEU D 48 -1.56 32.70 -17.21
C LEU D 48 -1.34 34.09 -17.80
N ALA D 49 -2.32 34.97 -17.60
CA ALA D 49 -2.22 36.34 -18.09
C ALA D 49 -1.12 37.13 -17.37
N LYS D 50 -0.93 36.83 -16.09
CA LYS D 50 0.11 37.46 -15.27
C LYS D 50 1.46 36.83 -15.59
N MET D 51 1.48 36.01 -16.63
CA MET D 51 2.72 35.37 -17.06
C MET D 51 3.00 35.68 -18.53
N GLY D 52 2.09 36.46 -19.14
CA GLY D 52 2.26 36.95 -20.50
C GLY D 52 2.14 35.87 -21.56
N ALA D 53 1.28 34.89 -21.31
CA ALA D 53 1.09 33.80 -22.26
C ALA D 53 0.03 34.20 -23.26
N HIS D 54 -0.10 33.41 -24.32
CA HIS D 54 -1.23 33.54 -25.24
C HIS D 54 -2.33 32.60 -24.78
N VAL D 55 -3.55 33.12 -24.68
CA VAL D 55 -4.64 32.32 -24.14
C VAL D 55 -5.91 32.46 -24.97
N VAL D 56 -6.48 31.31 -25.35
CA VAL D 56 -7.81 31.29 -25.93
C VAL D 56 -8.73 30.58 -24.94
N VAL D 57 -9.66 31.33 -24.36
CA VAL D 57 -10.51 30.80 -23.31
C VAL D 57 -11.91 30.56 -23.82
N THR D 58 -12.51 29.43 -23.44
CA THR D 58 -13.87 29.14 -23.88
C THR D 58 -14.85 28.90 -22.77
N ALA D 59 -16.12 28.95 -23.15
CA ALA D 59 -17.26 28.75 -22.26
C ALA D 59 -18.48 28.98 -23.13
N ARG D 60 -19.64 29.10 -22.51
CA ARG D 60 -20.86 29.42 -23.24
C ARG D 60 -21.14 30.93 -23.21
N SER D 61 -21.09 31.52 -22.01
CA SER D 61 -21.43 32.92 -21.81
C SER D 61 -20.44 33.89 -22.46
N LYS D 62 -20.79 34.39 -23.65
CA LYS D 62 -19.91 35.34 -24.33
C LYS D 62 -19.73 36.67 -23.57
N GLU D 63 -20.73 37.05 -22.77
CA GLU D 63 -20.64 38.25 -21.96
C GLU D 63 -19.47 38.13 -20.98
N THR D 64 -19.60 37.19 -20.05
CA THR D 64 -18.62 37.02 -18.99
C THR D 64 -17.26 36.57 -19.55
N LEU D 65 -17.29 35.81 -20.64
CA LEU D 65 -16.07 35.39 -21.31
C LEU D 65 -15.31 36.61 -21.78
N GLN D 66 -16.04 37.58 -22.32
CA GLN D 66 -15.42 38.81 -22.78
C GLN D 66 -14.73 39.54 -21.63
N LYS D 67 -15.43 39.70 -20.50
CA LYS D 67 -14.84 40.35 -19.33
C LYS D 67 -13.50 39.71 -18.95
N VAL D 68 -13.41 38.40 -19.13
CA VAL D 68 -12.19 37.69 -18.80
C VAL D 68 -11.11 38.10 -19.78
N VAL D 69 -11.47 38.12 -21.07
CA VAL D 69 -10.54 38.48 -22.15
C VAL D 69 -9.90 39.83 -21.88
N SER D 70 -10.73 40.82 -21.53
CA SER D 70 -10.28 42.17 -21.25
C SER D 70 -9.37 42.22 -20.03
N HIS D 71 -9.77 41.54 -18.96
CA HIS D 71 -9.00 41.59 -17.73
C HIS D 71 -7.63 40.93 -17.94
N CYS D 72 -7.53 40.11 -18.96
CA CYS D 72 -6.30 39.37 -19.22
C CYS D 72 -5.28 40.25 -19.94
N LEU D 73 -5.78 41.06 -20.87
CA LEU D 73 -4.94 42.07 -21.49
C LEU D 73 -4.44 42.98 -20.38
N GLU D 74 -5.37 43.45 -19.54
CA GLU D 74 -5.03 44.25 -18.38
C GLU D 74 -3.90 43.61 -17.56
N LEU D 75 -4.08 42.36 -17.16
CA LEU D 75 -3.07 41.65 -16.40
C LEU D 75 -1.75 41.49 -17.17
N GLY D 76 -1.81 41.62 -18.49
CA GLY D 76 -0.60 41.63 -19.31
C GLY D 76 -0.28 40.35 -20.05
N ALA D 77 -1.26 39.85 -20.80
CA ALA D 77 -1.07 38.63 -21.57
C ALA D 77 -0.67 38.95 -23.00
N ALA D 78 0.26 38.18 -23.54
CA ALA D 78 0.67 38.33 -24.94
C ALA D 78 -0.54 38.50 -25.87
N SER D 79 -1.50 37.59 -25.80
CA SER D 79 -2.78 37.77 -26.49
C SER D 79 -3.93 37.10 -25.75
N ALA D 80 -5.15 37.44 -26.14
CA ALA D 80 -6.32 36.90 -25.47
C ALA D 80 -7.52 36.93 -26.42
N HIS D 81 -8.25 35.82 -26.46
CA HIS D 81 -9.44 35.75 -27.29
C HIS D 81 -10.40 34.77 -26.65
N TYR D 82 -11.69 34.90 -26.94
CA TYR D 82 -12.65 33.96 -26.42
C TYR D 82 -13.27 33.20 -27.57
N ILE D 83 -14.11 32.22 -27.25
CA ILE D 83 -14.92 31.59 -28.27
C ILE D 83 -16.07 30.87 -27.59
N ALA D 84 -17.27 31.45 -27.72
CA ALA D 84 -18.46 30.92 -27.07
C ALA D 84 -18.91 29.64 -27.75
N GLY D 85 -19.57 28.79 -26.99
CA GLY D 85 -20.08 27.52 -27.50
C GLY D 85 -20.39 26.57 -26.35
N THR D 86 -21.01 25.45 -26.67
CA THR D 86 -21.24 24.41 -25.69
C THR D 86 -20.44 23.18 -26.11
N MET D 87 -19.56 22.73 -25.21
CA MET D 87 -18.77 21.52 -25.46
C MET D 87 -19.72 20.32 -25.50
N GLU D 88 -21.00 20.63 -25.36
CA GLU D 88 -22.08 19.68 -25.50
C GLU D 88 -22.22 19.33 -26.97
N ASP D 89 -21.55 20.10 -27.81
CA ASP D 89 -21.59 19.96 -29.26
C ASP D 89 -20.19 19.59 -29.75
N MET D 90 -20.05 18.37 -30.25
CA MET D 90 -18.74 17.86 -30.62
C MET D 90 -18.16 18.64 -31.79
N THR D 91 -18.99 18.81 -32.82
CA THR D 91 -18.61 19.65 -33.96
C THR D 91 -18.00 20.95 -33.47
N PHE D 92 -18.73 21.69 -32.65
CA PHE D 92 -18.15 22.91 -32.11
C PHE D 92 -16.79 22.60 -31.50
N ALA D 93 -16.77 21.75 -30.48
CA ALA D 93 -15.53 21.42 -29.78
C ALA D 93 -14.40 21.25 -30.78
N GLU D 94 -14.73 20.54 -31.85
CA GLU D 94 -13.79 20.15 -32.87
C GLU D 94 -13.23 21.36 -33.60
N GLN D 95 -14.12 22.29 -33.94
CA GLN D 95 -13.72 23.46 -34.70
C GLN D 95 -13.20 24.57 -33.80
N PHE D 96 -13.48 24.48 -32.51
CA PHE D 96 -12.89 25.44 -31.58
C PHE D 96 -11.38 25.29 -31.60
N VAL D 97 -10.91 24.05 -31.70
CA VAL D 97 -9.49 23.74 -31.55
C VAL D 97 -8.69 24.28 -32.73
N ALA D 98 -9.07 23.86 -33.94
CA ALA D 98 -8.49 24.39 -35.17
C ALA D 98 -8.53 25.92 -35.18
N GLN D 99 -9.74 26.46 -35.10
CA GLN D 99 -9.98 27.91 -35.02
C GLN D 99 -9.15 28.63 -33.95
N ALA D 100 -8.81 27.94 -32.88
CA ALA D 100 -7.95 28.52 -31.84
C ALA D 100 -6.47 28.29 -32.14
N GLY D 101 -6.18 27.24 -32.90
CA GLY D 101 -4.82 26.98 -33.35
C GLY D 101 -4.39 28.03 -34.37
N LYS D 102 -5.31 28.37 -35.26
CA LYS D 102 -5.09 29.42 -36.25
C LYS D 102 -4.98 30.82 -35.63
N LEU D 103 -5.80 31.09 -34.61
CA LEU D 103 -5.77 32.39 -33.93
C LEU D 103 -4.50 32.62 -33.11
N MET D 104 -3.76 31.55 -32.83
CA MET D 104 -2.54 31.65 -32.03
C MET D 104 -1.32 31.17 -32.81
N GLY D 105 -1.56 30.71 -34.04
CA GLY D 105 -0.52 30.12 -34.87
C GLY D 105 0.17 28.93 -34.21
N GLY D 106 -0.63 28.00 -33.68
CA GLY D 106 -0.10 26.84 -32.96
C GLY D 106 -0.64 26.70 -31.55
N LEU D 107 -0.05 25.80 -30.77
CA LEU D 107 -0.53 25.49 -29.42
C LEU D 107 0.51 24.75 -28.58
N ASP D 108 0.71 25.19 -27.34
CA ASP D 108 1.67 24.54 -26.46
C ASP D 108 1.00 23.85 -25.27
N MET D 109 -0.17 24.33 -24.87
CA MET D 109 -0.87 23.70 -23.74
C MET D 109 -2.39 23.69 -23.88
N LEU D 110 -2.92 22.47 -23.84
CA LEU D 110 -4.35 22.23 -23.84
C LEU D 110 -4.78 21.92 -22.40
N ILE D 111 -5.57 22.82 -21.81
CA ILE D 111 -6.11 22.61 -20.47
C ILE D 111 -7.61 22.31 -20.49
N LEU D 112 -7.94 21.05 -20.27
CA LEU D 112 -9.33 20.63 -20.21
C LEU D 112 -9.85 20.80 -18.79
N ASN D 113 -10.98 21.50 -18.65
CA ASN D 113 -11.44 21.92 -17.33
C ASN D 113 -12.95 22.10 -17.16
N HIS D 114 -13.65 22.46 -18.22
CA HIS D 114 -15.10 22.62 -18.13
C HIS D 114 -15.81 21.34 -17.68
N ILE D 115 -16.91 21.50 -16.94
CA ILE D 115 -17.81 20.39 -16.62
C ILE D 115 -19.25 20.89 -16.71
N THR D 116 -20.17 19.98 -17.03
CA THR D 116 -21.58 20.34 -17.12
C THR D 116 -22.18 20.65 -15.75
N ASN D 117 -23.20 21.51 -15.71
CA ASN D 117 -23.88 21.83 -14.46
C ASN D 117 -24.34 20.57 -13.71
N THR D 118 -24.13 20.57 -12.40
CA THR D 118 -24.54 19.44 -11.57
C THR D 118 -24.90 19.95 -10.18
N SER D 119 -25.52 19.08 -9.39
CA SER D 119 -25.89 19.42 -8.04
C SER D 119 -25.83 18.13 -7.26
N LEU D 120 -25.68 18.24 -5.94
CA LEU D 120 -25.67 17.05 -5.11
C LEU D 120 -27.05 16.41 -5.06
N ASN D 121 -27.12 15.15 -5.45
CA ASN D 121 -28.39 14.43 -5.43
C ASN D 121 -28.24 12.93 -5.45
N LEU D 122 -29.13 12.24 -4.77
CA LEU D 122 -29.18 10.81 -4.89
C LEU D 122 -29.51 10.59 -6.34
N PHE D 123 -28.98 9.54 -6.93
CA PHE D 123 -29.30 9.20 -8.31
C PHE D 123 -30.55 8.34 -8.35
N HIS D 124 -31.57 8.81 -9.07
CA HIS D 124 -32.73 7.97 -9.33
C HIS D 124 -33.14 8.11 -10.80
N ASP D 125 -32.81 7.07 -11.58
CA ASP D 125 -33.09 7.03 -13.01
C ASP D 125 -32.93 8.35 -13.76
N ASP D 126 -31.89 9.11 -13.44
CA ASP D 126 -31.61 10.28 -14.25
C ASP D 126 -30.61 9.96 -15.36
N ILE D 127 -30.92 8.90 -16.11
CA ILE D 127 -30.10 8.49 -17.24
C ILE D 127 -29.66 9.72 -18.04
N HIS D 128 -30.54 10.69 -18.20
CA HIS D 128 -30.22 11.86 -19.00
C HIS D 128 -28.99 12.63 -18.49
N HIS D 129 -28.87 12.76 -17.17
CA HIS D 129 -27.73 13.47 -16.61
C HIS D 129 -26.43 12.67 -16.75
N VAL D 130 -26.52 11.36 -16.63
CA VAL D 130 -25.38 10.49 -16.85
C VAL D 130 -24.85 10.62 -18.28
N ARG D 131 -25.74 10.68 -19.26
CA ARG D 131 -25.27 10.80 -20.63
C ARG D 131 -24.61 12.17 -20.77
N LYS D 132 -25.32 13.22 -20.38
CA LYS D 132 -24.82 14.57 -20.55
C LYS D 132 -23.46 14.69 -19.86
N SER D 133 -23.34 14.05 -18.69
CA SER D 133 -22.09 14.07 -17.94
C SER D 133 -20.97 13.44 -18.74
N MET D 134 -21.24 12.24 -19.26
CA MET D 134 -20.24 11.55 -20.05
C MET D 134 -19.89 12.32 -21.33
N GLU D 135 -20.84 13.09 -21.86
CA GLU D 135 -20.64 13.91 -23.06
C GLU D 135 -19.74 15.11 -22.81
N VAL D 136 -20.14 15.91 -21.84
CA VAL D 136 -19.46 17.17 -21.59
C VAL D 136 -18.21 16.95 -20.74
N ASN D 137 -18.29 16.15 -19.70
CA ASN D 137 -17.13 16.00 -18.84
C ASN D 137 -16.04 15.11 -19.40
N PHE D 138 -16.41 14.09 -20.17
CA PHE D 138 -15.43 13.13 -20.68
C PHE D 138 -15.20 13.18 -22.19
N LEU D 139 -16.27 13.04 -22.96
CA LEU D 139 -16.14 12.92 -24.41
C LEU D 139 -15.62 14.18 -25.04
N SER D 140 -16.20 15.31 -24.69
CA SER D 140 -15.71 16.55 -25.24
C SER D 140 -14.19 16.55 -25.08
N TYR D 141 -13.69 16.21 -23.89
CA TYR D 141 -12.25 16.27 -23.62
C TYR D 141 -11.49 15.45 -24.65
N VAL D 142 -12.09 14.37 -25.10
CA VAL D 142 -11.40 13.48 -26.02
C VAL D 142 -11.46 14.07 -27.42
N VAL D 143 -12.58 14.71 -27.75
CA VAL D 143 -12.70 15.38 -29.04
C VAL D 143 -11.68 16.50 -29.14
N LEU D 144 -11.45 17.18 -28.02
CA LEU D 144 -10.54 18.32 -28.00
C LEU D 144 -9.10 17.86 -28.17
N THR D 145 -8.73 16.87 -27.36
CA THR D 145 -7.38 16.34 -27.36
C THR D 145 -6.98 15.89 -28.75
N VAL D 146 -7.85 15.11 -29.37
CA VAL D 146 -7.59 14.56 -30.71
C VAL D 146 -7.25 15.67 -31.69
N ALA D 147 -8.05 16.73 -31.65
CA ALA D 147 -7.96 17.79 -32.64
C ALA D 147 -6.80 18.72 -32.33
N ALA D 148 -6.33 18.68 -31.09
CA ALA D 148 -5.17 19.48 -30.68
C ALA D 148 -3.88 18.69 -30.79
N LEU D 149 -3.98 17.43 -31.17
CA LEU D 149 -2.80 16.57 -31.17
C LEU D 149 -1.68 17.05 -32.13
N PRO D 150 -1.99 17.23 -33.43
CA PRO D 150 -0.92 17.70 -34.33
C PRO D 150 -0.13 18.89 -33.75
N MET D 151 -0.81 19.99 -33.43
CA MET D 151 -0.12 21.13 -32.86
C MET D 151 0.70 20.76 -31.61
N LEU D 152 0.16 19.88 -30.77
CA LEU D 152 0.82 19.48 -29.53
C LEU D 152 2.08 18.66 -29.78
N LYS D 153 2.04 17.88 -30.85
CA LYS D 153 3.22 17.14 -31.29
C LYS D 153 4.26 18.10 -31.82
N GLN D 154 3.79 19.03 -32.66
CA GLN D 154 4.61 20.09 -33.24
C GLN D 154 5.47 20.83 -32.22
N SER D 155 4.89 21.05 -31.04
CA SER D 155 5.51 21.90 -30.02
C SER D 155 5.93 21.14 -28.75
N ASN D 156 5.94 19.82 -28.81
CA ASN D 156 6.19 19.01 -27.61
C ASN D 156 5.37 19.54 -26.44
N GLY D 157 4.08 19.69 -26.65
CA GLY D 157 3.19 20.31 -25.67
C GLY D 157 2.75 19.47 -24.48
N SER D 158 1.68 19.93 -23.83
CA SER D 158 1.17 19.33 -22.61
C SER D 158 -0.35 19.26 -22.60
N ILE D 159 -0.90 18.18 -22.04
CA ILE D 159 -2.32 18.12 -21.78
C ILE D 159 -2.59 18.04 -20.29
N VAL D 160 -3.39 18.98 -19.80
CA VAL D 160 -3.77 18.97 -18.40
C VAL D 160 -5.25 18.67 -18.26
N VAL D 161 -5.57 17.62 -17.51
CA VAL D 161 -6.95 17.26 -17.25
C VAL D 161 -7.27 17.44 -15.78
N VAL D 162 -8.22 18.33 -15.50
CA VAL D 162 -8.66 18.58 -14.14
C VAL D 162 -9.64 17.51 -13.67
N SER D 163 -9.36 16.91 -12.52
CA SER D 163 -10.23 15.86 -11.98
C SER D 163 -10.48 16.07 -10.49
N SER D 164 -11.02 15.04 -9.82
CA SER D 164 -11.37 15.14 -8.39
C SER D 164 -11.00 13.94 -7.55
N LEU D 165 -11.17 14.13 -6.25
CA LEU D 165 -11.16 13.03 -5.31
C LEU D 165 -12.22 12.06 -5.78
N ALA D 166 -13.38 12.60 -6.15
CA ALA D 166 -14.49 11.77 -6.60
C ALA D 166 -14.17 10.99 -7.88
N GLY D 167 -13.01 11.28 -8.47
CA GLY D 167 -12.54 10.57 -9.65
C GLY D 167 -11.53 9.51 -9.27
N LYS D 168 -11.33 9.36 -7.96
CA LYS D 168 -10.41 8.38 -7.42
C LYS D 168 -11.11 7.51 -6.38
N VAL D 169 -12.11 8.09 -5.72
CA VAL D 169 -12.81 7.38 -4.67
C VAL D 169 -14.30 7.69 -4.75
N ALA D 170 -15.11 6.93 -4.00
CA ALA D 170 -16.56 6.99 -4.11
C ALA D 170 -17.20 7.93 -3.11
N TYR D 171 -18.21 8.65 -3.55
CA TYR D 171 -19.00 9.54 -2.71
C TYR D 171 -20.43 9.51 -3.18
N PRO D 172 -21.38 9.53 -2.23
CA PRO D 172 -22.78 9.63 -2.63
C PRO D 172 -23.08 11.01 -3.19
N MET D 173 -24.15 11.14 -3.98
CA MET D 173 -24.58 12.44 -4.47
C MET D 173 -23.92 12.88 -5.77
N VAL D 174 -23.00 12.08 -6.28
CA VAL D 174 -22.21 12.49 -7.44
C VAL D 174 -21.92 11.33 -8.40
N ALA D 175 -22.91 10.46 -8.61
CA ALA D 175 -22.70 9.28 -9.41
C ALA D 175 -22.31 9.59 -10.87
N ALA D 176 -23.12 10.40 -11.54
CA ALA D 176 -22.81 10.80 -12.91
C ALA D 176 -21.44 11.46 -12.99
N TYR D 177 -21.20 12.41 -12.09
CA TYR D 177 -19.97 13.19 -12.04
C TYR D 177 -18.74 12.31 -11.91
N SER D 178 -18.81 11.36 -10.97
CA SER D 178 -17.71 10.46 -10.67
C SER D 178 -17.44 9.52 -11.83
N ALA D 179 -18.51 9.01 -12.42
CA ALA D 179 -18.40 8.10 -13.55
C ALA D 179 -17.60 8.83 -14.62
N SER D 180 -17.92 10.10 -14.81
CA SER D 180 -17.23 10.84 -15.85
C SER D 180 -15.76 11.09 -15.46
N LYS D 181 -15.53 11.51 -14.23
CA LYS D 181 -14.16 11.74 -13.79
C LYS D 181 -13.34 10.45 -13.83
N PHE D 182 -13.83 9.39 -13.22
CA PHE D 182 -13.12 8.12 -13.30
C PHE D 182 -12.75 7.84 -14.77
N ALA D 183 -13.70 8.07 -15.67
CA ALA D 183 -13.49 7.86 -17.10
C ALA D 183 -12.27 8.63 -17.63
N LEU D 184 -12.10 9.87 -17.18
CA LEU D 184 -10.99 10.70 -17.61
C LEU D 184 -9.70 10.03 -17.23
N ASP D 185 -9.67 9.53 -16.00
CA ASP D 185 -8.54 8.76 -15.52
C ASP D 185 -8.29 7.56 -16.43
N GLY D 186 -9.23 6.63 -16.49
CA GLY D 186 -9.00 5.46 -17.29
C GLY D 186 -8.40 5.81 -18.64
N PHE D 187 -9.09 6.68 -19.36
CA PHE D 187 -8.70 7.02 -20.73
C PHE D 187 -7.33 7.68 -20.85
N PHE D 188 -7.10 8.72 -20.05
CA PHE D 188 -5.88 9.51 -20.21
C PHE D 188 -4.62 8.86 -19.65
N SER D 189 -4.74 8.06 -18.60
CA SER D 189 -3.58 7.34 -18.09
C SER D 189 -3.23 6.20 -19.02
N SER D 190 -4.21 5.74 -19.78
CA SER D 190 -3.95 4.71 -20.74
C SER D 190 -3.19 5.34 -21.90
N ILE D 191 -3.71 6.47 -22.37
CA ILE D 191 -3.08 7.24 -23.44
C ILE D 191 -1.68 7.66 -23.00
N ARG D 192 -1.50 7.88 -21.71
CA ARG D 192 -0.15 8.19 -21.26
C ARG D 192 0.79 7.07 -21.67
N LYS D 193 0.63 5.89 -21.06
CA LYS D 193 1.41 4.71 -21.42
C LYS D 193 1.65 4.63 -22.92
N GLU D 194 0.60 4.93 -23.69
CA GLU D 194 0.67 4.84 -25.16
C GLU D 194 1.67 5.84 -25.75
N TYR D 195 1.62 7.08 -25.29
CA TYR D 195 2.52 8.10 -25.81
C TYR D 195 3.95 7.75 -25.42
N SER D 196 4.10 7.14 -24.25
CA SER D 196 5.40 6.70 -23.81
C SER D 196 5.97 5.70 -24.81
N VAL D 197 5.31 4.56 -24.98
CA VAL D 197 5.87 3.54 -25.87
C VAL D 197 6.13 4.04 -27.29
N SER D 198 5.29 4.95 -27.79
CA SER D 198 5.51 5.53 -29.11
C SER D 198 6.33 6.82 -29.08
N ARG D 199 7.09 7.01 -27.99
CA ARG D 199 7.84 8.25 -27.78
C ARG D 199 7.19 9.48 -28.41
N VAL D 200 5.86 9.55 -28.35
CA VAL D 200 5.19 10.79 -28.67
C VAL D 200 5.41 11.68 -27.46
N ASN D 201 6.01 12.84 -27.67
CA ASN D 201 6.46 13.67 -26.56
C ASN D 201 5.47 14.77 -26.16
N VAL D 202 4.26 14.34 -25.78
CA VAL D 202 3.24 15.24 -25.27
C VAL D 202 2.89 14.76 -23.87
N SER D 203 3.16 15.57 -22.86
CA SER D 203 2.93 15.15 -21.47
C SER D 203 1.45 15.13 -21.14
N ILE D 204 1.11 14.43 -20.05
CA ILE D 204 -0.28 14.31 -19.62
C ILE D 204 -0.45 14.44 -18.11
N THR D 205 -1.15 15.48 -17.67
CA THR D 205 -1.32 15.71 -16.24
C THR D 205 -2.77 15.70 -15.79
N LEU D 206 -3.07 14.82 -14.83
CA LEU D 206 -4.41 14.70 -14.26
C LEU D 206 -4.39 15.38 -12.90
N CYS D 207 -5.40 16.19 -12.60
CA CYS D 207 -5.39 16.99 -11.37
C CYS D 207 -6.49 16.58 -10.37
N VAL D 208 -6.08 15.82 -9.35
CA VAL D 208 -6.99 15.34 -8.32
C VAL D 208 -7.31 16.44 -7.31
N LEU D 209 -8.49 17.03 -7.43
CA LEU D 209 -8.83 18.16 -6.59
C LEU D 209 -9.84 17.81 -5.51
N GLY D 210 -9.55 18.22 -4.28
CA GLY D 210 -10.54 18.13 -3.23
C GLY D 210 -11.50 19.29 -3.39
N LEU D 211 -12.24 19.58 -2.32
CA LEU D 211 -13.19 20.68 -2.30
C LEU D 211 -12.48 22.04 -2.48
N ILE D 212 -12.95 22.84 -3.45
CA ILE D 212 -12.41 24.20 -3.67
C ILE D 212 -13.47 25.28 -3.49
N ASP D 213 -13.05 26.45 -3.02
CA ASP D 213 -14.00 27.51 -2.65
C ASP D 213 -14.57 28.33 -3.81
N THR D 214 -14.86 27.68 -4.93
CA THR D 214 -15.50 28.36 -6.05
C THR D 214 -16.96 28.66 -5.73
N GLU D 215 -17.50 29.70 -6.37
CA GLU D 215 -18.92 30.05 -6.22
C GLU D 215 -19.81 28.82 -6.30
N THR D 216 -19.87 28.21 -7.49
CA THR D 216 -20.73 27.07 -7.74
C THR D 216 -20.61 25.97 -6.70
N ALA D 217 -19.40 25.79 -6.19
CA ALA D 217 -19.12 24.71 -5.26
C ALA D 217 -19.75 25.01 -3.91
N MET D 218 -19.45 26.20 -3.39
CA MET D 218 -19.95 26.59 -2.08
C MET D 218 -21.48 26.73 -2.05
N LYS D 219 -22.06 27.23 -3.14
CA LYS D 219 -23.51 27.31 -3.24
C LYS D 219 -24.09 25.92 -3.07
N ALA D 220 -23.50 24.96 -3.78
CA ALA D 220 -24.06 23.63 -3.83
C ALA D 220 -23.72 22.79 -2.59
N VAL D 221 -22.77 23.24 -1.79
CA VAL D 221 -22.36 22.49 -0.60
C VAL D 221 -22.92 23.04 0.74
N SER D 222 -23.80 24.02 0.65
CA SER D 222 -24.48 24.52 1.85
C SER D 222 -24.95 23.30 2.63
N GLY D 223 -24.70 23.29 3.93
CA GLY D 223 -25.12 22.17 4.77
C GLY D 223 -24.37 20.87 4.52
N ILE D 224 -23.07 20.87 4.80
CA ILE D 224 -22.24 19.68 4.70
C ILE D 224 -20.80 19.96 5.16
N VAL D 225 -20.64 20.79 6.20
CA VAL D 225 -19.33 21.10 6.76
C VAL D 225 -18.20 21.02 5.73
N GLN D 228 -13.94 22.55 5.02
CA GLN D 228 -13.19 23.62 4.38
C GLN D 228 -12.65 23.23 3.02
N ALA D 229 -12.55 24.21 2.15
CA ALA D 229 -11.96 24.01 0.83
C ALA D 229 -10.82 24.97 0.62
N ALA D 230 -9.80 24.52 -0.11
CA ALA D 230 -8.69 25.38 -0.47
C ALA D 230 -9.16 26.55 -1.33
N PRO D 231 -8.31 27.59 -1.43
CA PRO D 231 -8.64 28.76 -2.26
C PRO D 231 -8.54 28.47 -3.76
N LYS D 232 -9.57 28.90 -4.50
CA LYS D 232 -9.57 28.77 -5.95
C LYS D 232 -8.29 29.34 -6.60
N GLU D 233 -7.72 30.40 -6.03
CA GLU D 233 -6.52 31.04 -6.61
C GLU D 233 -5.29 30.13 -6.68
N GLU D 234 -4.92 29.58 -5.52
CA GLU D 234 -3.68 28.82 -5.37
C GLU D 234 -3.83 27.48 -6.08
N CYS D 235 -5.05 26.96 -6.04
CA CYS D 235 -5.41 25.76 -6.77
C CYS D 235 -4.98 25.89 -8.23
N ALA D 236 -5.57 26.85 -8.93
CA ALA D 236 -5.36 27.00 -10.36
C ALA D 236 -3.88 27.21 -10.68
N LEU D 237 -3.13 27.65 -9.68
CA LEU D 237 -1.69 27.76 -9.78
C LEU D 237 -1.06 26.36 -9.85
N GLU D 238 -1.41 25.51 -8.88
CA GLU D 238 -0.86 24.17 -8.82
C GLU D 238 -1.15 23.38 -10.10
N ILE D 239 -2.36 23.50 -10.59
CA ILE D 239 -2.70 22.89 -11.87
C ILE D 239 -1.67 23.30 -12.93
N ILE D 240 -1.39 24.59 -13.03
CA ILE D 240 -0.44 25.06 -14.05
C ILE D 240 1.01 24.57 -13.87
N LYS D 241 1.50 24.55 -12.62
CA LYS D 241 2.83 24.02 -12.35
C LYS D 241 2.96 22.60 -12.92
N GLY D 242 2.17 21.68 -12.38
CA GLY D 242 2.20 20.29 -12.84
C GLY D 242 2.23 20.20 -14.35
N GLY D 243 1.41 21.01 -15.01
CA GLY D 243 1.39 21.05 -16.47
C GLY D 243 2.73 21.38 -17.08
N ALA D 244 3.34 22.47 -16.64
CA ALA D 244 4.68 22.82 -17.11
C ALA D 244 5.73 21.79 -16.69
N LEU D 245 5.72 21.40 -15.42
CA LEU D 245 6.65 20.38 -14.94
C LEU D 245 6.39 18.99 -15.54
N ARG D 246 5.41 18.91 -16.44
CA ARG D 246 5.03 17.66 -17.09
C ARG D 246 4.89 16.51 -16.11
N GLN D 247 4.25 16.77 -14.96
CA GLN D 247 3.96 15.72 -14.00
C GLN D 247 2.75 14.88 -14.42
N GLU D 248 2.69 13.65 -13.92
CA GLU D 248 1.59 12.74 -14.27
C GLU D 248 0.32 13.13 -13.51
N GLU D 249 0.44 13.30 -12.20
CA GLU D 249 -0.69 13.78 -11.44
C GLU D 249 -0.33 14.93 -10.54
N VAL D 250 -1.35 15.67 -10.12
CA VAL D 250 -1.21 16.77 -9.19
C VAL D 250 -2.31 16.60 -8.18
N TYR D 251 -1.95 16.60 -6.90
CA TYR D 251 -2.93 16.48 -5.85
C TYR D 251 -3.05 17.85 -5.19
N TYR D 252 -4.23 18.17 -4.69
CA TYR D 252 -4.40 19.46 -4.04
C TYR D 252 -5.64 19.47 -3.17
N ASP D 253 -5.43 19.62 -1.86
CA ASP D 253 -6.52 19.66 -0.90
C ASP D 253 -5.99 20.05 0.47
N SER D 254 -6.69 20.98 1.12
CA SER D 254 -6.20 21.60 2.35
C SER D 254 -5.73 20.62 3.42
N SER D 255 -6.45 19.50 3.56
CA SER D 255 -6.12 18.47 4.54
C SER D 255 -4.97 17.58 4.09
N LEU D 256 -3.75 17.97 4.45
CA LEU D 256 -2.57 17.20 4.09
C LEU D 256 -2.79 15.70 4.27
N TRP D 257 -3.56 15.33 5.29
CA TRP D 257 -3.96 13.94 5.45
C TRP D 257 -4.41 13.48 4.07
N THR D 258 -5.40 14.20 3.54
CA THR D 258 -6.00 13.85 2.28
C THR D 258 -4.97 13.55 1.21
N THR D 259 -4.04 14.47 1.02
CA THR D 259 -3.19 14.40 -0.16
C THR D 259 -2.14 13.30 -0.10
N LEU D 260 -1.78 12.87 1.10
CA LEU D 260 -0.77 11.83 1.22
C LEU D 260 -1.47 10.48 1.12
N LEU D 261 -2.80 10.54 1.18
CA LEU D 261 -3.64 9.35 1.13
C LEU D 261 -4.10 9.04 -0.29
N ILE D 262 -3.82 9.96 -1.19
CA ILE D 262 -4.32 9.89 -2.55
C ILE D 262 -3.41 9.06 -3.44
N ARG D 263 -2.10 9.33 -3.36
CA ARG D 263 -1.16 8.52 -4.12
C ARG D 263 -1.57 7.07 -4.01
N ASN D 264 -1.20 6.29 -5.02
CA ASN D 264 -1.53 4.88 -5.03
C ASN D 264 -0.46 4.04 -5.71
N PRO D 265 0.60 3.71 -4.97
CA PRO D 265 1.75 2.92 -5.46
C PRO D 265 1.38 1.47 -5.82
N SER D 266 0.50 0.87 -5.04
CA SER D 266 0.00 -0.45 -5.38
C SER D 266 -0.35 -0.46 -6.86
N ARG D 267 -1.10 0.55 -7.31
CA ARG D 267 -1.44 0.68 -8.73
C ARG D 267 -0.20 1.00 -9.57
N LYS D 268 0.54 2.02 -9.18
CA LYS D 268 1.69 2.47 -9.97
C LYS D 268 2.71 1.36 -10.18
N ILE D 269 2.78 0.44 -9.22
CA ILE D 269 3.72 -0.68 -9.31
C ILE D 269 3.22 -1.70 -10.34
N LEU D 270 1.95 -2.08 -10.24
CA LEU D 270 1.34 -3.03 -11.17
C LEU D 270 1.53 -2.61 -12.61
N GLU D 271 1.07 -1.40 -12.93
CA GLU D 271 1.17 -0.86 -14.28
C GLU D 271 2.55 -1.12 -14.87
N PHE D 272 3.56 -0.41 -14.36
CA PHE D 272 4.95 -0.57 -14.81
C PHE D 272 5.45 -2.00 -14.59
N LEU D 273 4.59 -2.86 -14.08
CA LEU D 273 4.91 -4.27 -13.91
C LEU D 273 4.91 -5.03 -15.24
N TYR D 274 3.75 -5.15 -15.86
CA TYR D 274 3.67 -5.92 -17.11
C TYR D 274 4.44 -5.34 -18.31
N SER D 275 5.08 -4.19 -18.11
CA SER D 275 5.97 -3.61 -19.11
C SER D 275 6.44 -2.19 -18.78
#